data_7P9Y
#
_entry.id   7P9Y
#
_cell.length_a   115.476
_cell.length_b   115.476
_cell.length_c   119.657
_cell.angle_alpha   90.000
_cell.angle_beta   90.000
_cell.angle_gamma   120.000
#
_symmetry.space_group_name_H-M   'P 32 2 1'
#
loop_
_entity.id
_entity.type
_entity.pdbx_description
1 polymer 'Ubiquitin-like protein SMT3,N-acetyl-D-glucosamine kinase'
2 non-polymer (4S)-2-METHYL-2,4-PENTANEDIOL
3 non-polymer 1,2-ETHANEDIOL
4 non-polymer 'TRIETHYLENE GLYCOL'
5 non-polymer 2-acetamido-2-deoxy-alpha-D-glucopyranose
6 non-polymer 'ZINC ION'
7 non-polymer 'POTASSIUM ION'
8 non-polymer 'CHLORIDE ION'
9 non-polymer DI(HYDROXYETHYL)ETHER
10 water water
#
_entity_poly.entity_id   1
_entity_poly.type   'polypeptide(L)'
_entity_poly.pdbx_seq_one_letter_code
;MAHHHHHHGSDSEVNQEAKPEVKPEVKPETHINLKVSDGSSEIFFKIKKTTPLRRLMEAFAKRQGKEMDSLRFLYDGIRI
QADQTPEDLDMEDNDIIEAHREQISSGLEVLFQGTMYYGFDIGGTKIEFGAFDADLVRVARERVATPTESYAAFLDAIVT
LVNNADAEFGVKGTVGIGIPGIADVETGKLLTSNIPAAMGHTLQRDLEERLQRPVKIENDANCFALSEAWDEDLRGEPSV
LGLILGTGVGGGLIFNGKVHSGRANIAGEIGHTRLPYDALKLLGMENAPIFPCGCKNSGCIDNYLSGRGFEQLYDHYFSE
KLSAPEIIAHYEQGERRAVQHVERFMELLAICLANIFTCLDPHVVVLGGGLSNFELIYQELPKRLPAHLLHVAKLPKIIK
ARHGDAGGVRGAAFLNL
;
_entity_poly.pdbx_strand_id   AAA,BBB
#
loop_
_chem_comp.id
_chem_comp.type
_chem_comp.name
_chem_comp.formula
CL non-polymer 'CHLORIDE ION' 'Cl -1'
EDO non-polymer 1,2-ETHANEDIOL 'C2 H6 O2'
K non-polymer 'POTASSIUM ION' 'K 1'
MPD non-polymer (4S)-2-METHYL-2,4-PENTANEDIOL 'C6 H14 O2'
NDG D-saccharide, alpha linking 2-acetamido-2-deoxy-alpha-D-glucopyranose 'C8 H15 N O6'
PEG non-polymer DI(HYDROXYETHYL)ETHER 'C4 H10 O3'
PGE non-polymer 'TRIETHYLENE GLYCOL' 'C6 H14 O4'
ZN non-polymer 'ZINC ION' 'Zn 2'
#
# COMPACT_ATOMS: atom_id res chain seq x y z
N GLY A 114 -23.38 -8.17 -32.36
CA GLY A 114 -21.99 -8.35 -31.84
C GLY A 114 -21.82 -7.80 -30.43
N THR A 115 -20.57 -7.43 -30.10
CA THR A 115 -20.17 -7.04 -28.76
C THR A 115 -20.12 -5.53 -28.62
N MET A 116 -21.03 -4.99 -27.80
CA MET A 116 -20.99 -3.61 -27.35
C MET A 116 -20.66 -3.56 -25.85
N TYR A 117 -19.91 -2.54 -25.42
CA TYR A 117 -19.63 -2.34 -24.00
C TYR A 117 -20.05 -0.95 -23.58
N TYR A 118 -20.97 -0.87 -22.61
CA TYR A 118 -21.35 0.41 -22.06
C TYR A 118 -20.59 0.69 -20.76
N GLY A 119 -20.33 1.98 -20.53
CA GLY A 119 -19.68 2.47 -19.33
C GLY A 119 -20.32 3.76 -18.88
N PHE A 120 -20.42 3.93 -17.56
CA PHE A 120 -20.93 5.12 -16.90
C PHE A 120 -19.94 5.60 -15.86
N ASP A 121 -19.73 6.93 -15.85
CA ASP A 121 -18.91 7.60 -14.86
C ASP A 121 -19.82 8.58 -14.12
N ILE A 122 -20.20 8.21 -12.90
CA ILE A 122 -21.14 9.01 -12.14
C ILE A 122 -20.38 9.91 -11.16
N GLY A 123 -20.49 11.23 -11.36
CA GLY A 123 -19.78 12.21 -10.56
C GLY A 123 -20.74 13.05 -9.71
N GLY A 124 -20.16 13.93 -8.87
CA GLY A 124 -20.89 14.90 -8.07
C GLY A 124 -21.81 15.81 -8.89
N THR A 125 -21.28 16.33 -10.01
CA THR A 125 -22.01 17.34 -10.79
C THR A 125 -22.72 16.72 -12.00
N LYS A 126 -22.08 15.79 -12.74
CA LYS A 126 -22.70 15.19 -13.92
C LYS A 126 -22.40 13.69 -14.02
N ILE A 127 -23.32 12.95 -14.67
CA ILE A 127 -23.13 11.58 -15.14
C ILE A 127 -22.64 11.60 -16.60
N GLU A 128 -21.58 10.82 -16.90
CA GLU A 128 -21.11 10.62 -18.27
C GLU A 128 -21.31 9.16 -18.72
N PHE A 129 -21.87 8.99 -19.92
CA PHE A 129 -22.13 7.71 -20.55
C PHE A 129 -21.24 7.56 -21.77
N GLY A 130 -20.91 6.31 -22.13
CA GLY A 130 -20.06 6.01 -23.25
C GLY A 130 -20.28 4.59 -23.74
N ALA A 131 -20.16 4.40 -25.06
CA ALA A 131 -20.36 3.08 -25.63
C ALA A 131 -19.22 2.77 -26.58
N PHE A 132 -18.71 1.53 -26.48
CA PHE A 132 -17.51 1.06 -27.16
C PHE A 132 -17.87 -0.22 -27.90
N ASP A 133 -17.30 -0.40 -29.10
CA ASP A 133 -17.61 -1.55 -29.93
C ASP A 133 -16.47 -2.56 -29.82
N ALA A 134 -16.52 -3.61 -30.65
CA ALA A 134 -15.63 -4.76 -30.51
C ALA A 134 -14.18 -4.30 -30.61
N ASP A 135 -14.00 -3.19 -31.33
CA ASP A 135 -12.68 -2.64 -31.61
C ASP A 135 -12.31 -1.61 -30.54
N LEU A 136 -13.29 -1.27 -29.68
CA LEU A 136 -13.11 -0.35 -28.57
C LEU A 136 -13.12 1.11 -29.05
N VAL A 137 -13.85 1.36 -30.14
CA VAL A 137 -14.05 2.70 -30.67
C VAL A 137 -15.25 3.26 -29.94
N ARG A 138 -15.10 4.47 -29.39
CA ARG A 138 -16.19 5.11 -28.68
C ARG A 138 -17.20 5.65 -29.69
N VAL A 139 -18.40 5.05 -29.70
CA VAL A 139 -19.41 5.35 -30.71
C VAL A 139 -20.52 6.19 -30.09
N ALA A 140 -20.47 6.39 -28.77
CA ALA A 140 -21.47 7.22 -28.11
C ALA A 140 -20.85 7.92 -26.90
N ARG A 141 -21.34 9.14 -26.63
CA ARG A 141 -20.91 10.01 -25.53
C ARG A 141 -22.06 10.94 -25.18
N GLU A 142 -22.58 10.84 -23.94
CA GLU A 142 -23.62 11.74 -23.43
C GLU A 142 -23.26 12.14 -22.01
N ARG A 143 -23.65 13.36 -21.64
CA ARG A 143 -23.48 13.85 -20.28
C ARG A 143 -24.79 14.44 -19.78
N VAL A 144 -25.40 13.78 -18.78
CA VAL A 144 -26.57 14.31 -18.08
C VAL A 144 -26.14 14.82 -16.70
N ALA A 145 -26.90 15.75 -16.12
CA ALA A 145 -26.58 16.24 -14.78
C ALA A 145 -26.84 15.16 -13.74
N THR A 146 -26.12 15.24 -12.61
CA THR A 146 -26.27 14.26 -11.55
C THR A 146 -27.56 14.55 -10.78
N PRO A 147 -28.68 13.79 -10.97
CA PRO A 147 -29.92 14.02 -10.20
C PRO A 147 -29.73 13.79 -8.69
N THR A 148 -29.85 14.86 -7.88
CA THR A 148 -29.57 14.75 -6.45
C THR A 148 -30.77 15.13 -5.56
N GLU A 149 -31.96 15.35 -6.13
CA GLU A 149 -33.09 15.70 -5.27
C GLU A 149 -33.93 14.47 -4.92
N SER A 150 -33.79 13.38 -5.68
CA SER A 150 -34.34 12.09 -5.33
C SER A 150 -33.37 11.00 -5.77
N TYR A 151 -33.64 9.76 -5.35
CA TYR A 151 -32.94 8.58 -5.84
C TYR A 151 -33.79 7.91 -6.93
N ALA A 152 -35.07 8.30 -7.01
CA ALA A 152 -35.94 7.86 -8.08
C ALA A 152 -35.43 8.44 -9.40
N ALA A 153 -34.86 9.65 -9.30
CA ALA A 153 -34.42 10.47 -10.44
C ALA A 153 -32.98 10.11 -10.87
N PHE A 154 -32.14 9.79 -9.88
CA PHE A 154 -30.82 9.21 -10.09
C PHE A 154 -30.93 7.95 -10.93
N LEU A 155 -31.68 6.97 -10.41
CA LEU A 155 -31.87 5.68 -11.06
C LEU A 155 -32.29 5.86 -12.52
N ASP A 156 -33.21 6.82 -12.75
CA ASP A 156 -33.88 7.01 -14.03
C ASP A 156 -32.89 7.41 -15.11
N ALA A 157 -32.13 8.48 -14.81
CA ALA A 157 -31.08 9.02 -15.67
C ALA A 157 -30.24 7.89 -16.27
N ILE A 158 -29.87 6.90 -15.44
CA ILE A 158 -29.02 5.79 -15.88
C ILE A 158 -29.77 4.85 -16.84
N VAL A 159 -31.00 4.43 -16.46
CA VAL A 159 -31.73 3.43 -17.24
C VAL A 159 -32.19 4.03 -18.58
N THR A 160 -32.49 5.35 -18.55
CA THR A 160 -32.73 6.17 -19.74
C THR A 160 -31.67 5.89 -20.81
N LEU A 161 -30.41 6.23 -20.47
CA LEU A 161 -29.27 6.22 -21.37
C LEU A 161 -28.95 4.81 -21.87
N VAL A 162 -29.23 3.79 -21.05
CA VAL A 162 -28.94 2.42 -21.47
C VAL A 162 -29.89 2.09 -22.60
N ASN A 163 -31.11 2.62 -22.48
CA ASN A 163 -32.23 2.23 -23.33
C ASN A 163 -32.10 2.86 -24.71
N ASN A 164 -32.03 4.20 -24.73
CA ASN A 164 -31.67 5.01 -25.89
C ASN A 164 -30.63 4.27 -26.73
N ALA A 165 -29.53 3.86 -26.07
CA ALA A 165 -28.36 3.29 -26.71
C ALA A 165 -28.64 1.87 -27.21
N ASP A 166 -29.50 1.14 -26.48
CA ASP A 166 -29.88 -0.21 -26.83
C ASP A 166 -30.56 -0.20 -28.21
N ALA A 167 -31.49 0.75 -28.34
CA ALA A 167 -32.27 0.99 -29.55
C ALA A 167 -31.32 1.35 -30.67
N GLU A 168 -30.67 2.51 -30.50
CA GLU A 168 -29.93 3.23 -31.53
C GLU A 168 -28.83 2.39 -32.20
N PHE A 169 -28.36 1.30 -31.54
CA PHE A 169 -27.30 0.48 -32.12
C PHE A 169 -27.84 -0.92 -32.39
N GLY A 170 -29.10 -1.11 -31.99
CA GLY A 170 -29.84 -2.36 -32.15
C GLY A 170 -29.17 -3.51 -31.41
N VAL A 171 -28.77 -3.24 -30.17
CA VAL A 171 -28.28 -4.26 -29.26
C VAL A 171 -28.23 -3.62 -27.87
N LYS A 172 -28.25 -4.49 -26.86
CA LYS A 172 -28.05 -4.09 -25.47
C LYS A 172 -26.83 -4.86 -24.95
N GLY A 173 -25.73 -4.13 -24.72
CA GLY A 173 -24.44 -4.73 -24.43
C GLY A 173 -24.08 -4.69 -22.94
N THR A 174 -22.90 -5.25 -22.61
CA THR A 174 -22.39 -5.37 -21.25
C THR A 174 -22.37 -3.99 -20.59
N VAL A 175 -22.67 -3.95 -19.29
CA VAL A 175 -22.79 -2.69 -18.57
C VAL A 175 -21.80 -2.62 -17.39
N GLY A 176 -21.06 -1.51 -17.32
CA GLY A 176 -20.17 -1.18 -16.22
C GLY A 176 -20.49 0.21 -15.67
N ILE A 177 -20.41 0.35 -14.35
CA ILE A 177 -20.61 1.62 -13.66
C ILE A 177 -19.41 1.96 -12.77
N GLY A 178 -18.92 3.20 -12.89
CA GLY A 178 -17.92 3.71 -11.96
C GLY A 178 -18.52 4.83 -11.12
N ILE A 179 -18.30 4.79 -9.80
CA ILE A 179 -18.84 5.79 -8.89
C ILE A 179 -17.80 6.11 -7.84
N PRO A 180 -17.81 7.32 -7.23
CA PRO A 180 -16.86 7.65 -6.17
C PRO A 180 -17.41 6.97 -4.94
N GLY A 181 -16.53 6.53 -4.04
CA GLY A 181 -16.94 5.67 -2.93
C GLY A 181 -17.08 4.19 -3.32
N ILE A 182 -17.83 3.44 -2.48
CA ILE A 182 -17.66 2.01 -2.28
C ILE A 182 -19.03 1.33 -2.23
N ALA A 183 -19.26 0.33 -3.06
CA ALA A 183 -20.39 -0.58 -2.86
C ALA A 183 -20.02 -1.64 -1.81
N ASP A 184 -20.77 -1.67 -0.71
CA ASP A 184 -20.59 -2.64 0.36
C ASP A 184 -20.41 -4.05 -0.20
N VAL A 185 -19.31 -4.67 0.18
CA VAL A 185 -18.95 -5.95 -0.42
C VAL A 185 -19.95 -7.04 0.03
N GLU A 186 -20.73 -6.77 1.10
CA GLU A 186 -21.70 -7.75 1.57
C GLU A 186 -23.12 -7.43 1.08
N THR A 187 -23.62 -6.22 1.40
CA THR A 187 -25.01 -5.86 1.14
C THR A 187 -25.24 -5.28 -0.27
N GLY A 188 -24.31 -4.48 -0.78
CA GLY A 188 -24.46 -3.87 -2.09
C GLY A 188 -24.69 -2.36 -2.01
N LYS A 189 -24.64 -1.79 -0.80
CA LYS A 189 -25.08 -0.43 -0.52
C LYS A 189 -23.92 0.55 -0.62
N LEU A 190 -24.17 1.69 -1.26
CA LEU A 190 -23.12 2.63 -1.62
C LEU A 190 -22.86 3.67 -0.53
N LEU A 191 -21.58 3.86 -0.16
CA LEU A 191 -21.12 5.02 0.60
C LEU A 191 -20.49 6.01 -0.37
N THR A 192 -21.20 7.13 -0.59
CA THR A 192 -20.74 8.22 -1.43
C THR A 192 -21.33 9.53 -0.91
N SER A 193 -20.56 10.27 -0.10
CA SER A 193 -21.04 11.54 0.42
C SER A 193 -20.92 12.65 -0.62
N ASN A 194 -20.40 12.29 -1.81
CA ASN A 194 -20.32 13.17 -2.95
C ASN A 194 -21.66 13.18 -3.69
N ILE A 195 -22.35 12.03 -3.67
CA ILE A 195 -23.65 11.88 -4.33
C ILE A 195 -24.70 11.65 -3.26
N PRO A 196 -25.43 12.71 -2.83
CA PRO A 196 -26.48 12.55 -1.82
C PRO A 196 -27.52 11.52 -2.26
N ALA A 197 -27.92 11.57 -3.55
CA ALA A 197 -29.06 10.84 -4.06
C ALA A 197 -28.84 9.34 -4.09
N ALA A 198 -27.57 8.91 -4.04
CA ALA A 198 -27.24 7.51 -4.25
C ALA A 198 -27.10 6.77 -2.92
N MET A 199 -26.45 7.43 -1.94
CA MET A 199 -26.04 6.93 -0.64
C MET A 199 -27.08 5.97 -0.05
N GLY A 200 -26.61 4.80 0.40
CA GLY A 200 -27.44 3.87 1.16
C GLY A 200 -28.13 2.81 0.30
N HIS A 201 -28.23 3.05 -1.02
CA HIS A 201 -29.07 2.16 -1.82
C HIS A 201 -28.29 1.00 -2.43
N THR A 202 -29.02 -0.03 -2.89
CA THR A 202 -28.42 -1.24 -3.42
C THR A 202 -28.27 -1.18 -4.96
N LEU A 203 -27.50 -0.18 -5.40
CA LEU A 203 -27.37 0.26 -6.77
C LEU A 203 -27.26 -0.89 -7.77
N GLN A 204 -26.40 -1.87 -7.51
CA GLN A 204 -26.20 -2.94 -8.47
C GLN A 204 -27.52 -3.65 -8.78
N ARG A 205 -28.23 -4.11 -7.73
CA ARG A 205 -29.41 -4.97 -7.83
C ARG A 205 -30.56 -4.30 -8.62
N ASP A 206 -30.88 -3.07 -8.20
CA ASP A 206 -31.87 -2.17 -8.79
C ASP A 206 -31.72 -2.02 -10.31
N LEU A 207 -30.50 -2.19 -10.83
CA LEU A 207 -30.19 -2.05 -12.25
C LEU A 207 -30.02 -3.42 -12.91
N GLU A 208 -29.77 -4.45 -12.10
CA GLU A 208 -29.52 -5.78 -12.62
C GLU A 208 -30.84 -6.40 -13.08
N GLU A 209 -31.95 -5.85 -12.59
CA GLU A 209 -33.28 -6.36 -12.89
C GLU A 209 -33.93 -5.53 -13.98
N ARG A 210 -33.76 -4.19 -13.90
CA ARG A 210 -34.40 -3.24 -14.80
C ARG A 210 -33.94 -3.44 -16.24
N LEU A 211 -32.83 -4.18 -16.45
CA LEU A 211 -32.19 -4.30 -17.77
C LEU A 211 -31.97 -5.77 -18.11
N GLN A 212 -32.15 -6.63 -17.11
CA GLN A 212 -32.17 -8.07 -17.28
C GLN A 212 -30.81 -8.60 -17.75
N ARG A 213 -29.75 -8.26 -17.00
CA ARG A 213 -28.41 -8.71 -17.34
C ARG A 213 -27.43 -8.39 -16.20
N PRO A 214 -26.21 -9.01 -16.20
CA PRO A 214 -25.20 -8.73 -15.18
C PRO A 214 -24.68 -7.28 -15.25
N VAL A 215 -24.68 -6.59 -14.12
CA VAL A 215 -24.18 -5.23 -14.01
C VAL A 215 -22.99 -5.21 -13.07
N LYS A 216 -21.83 -4.75 -13.57
CA LYS A 216 -20.64 -4.59 -12.73
C LYS A 216 -20.52 -3.15 -12.23
N ILE A 217 -20.10 -3.02 -10.97
CA ILE A 217 -19.90 -1.71 -10.38
C ILE A 217 -18.48 -1.65 -9.82
N GLU A 218 -17.83 -0.47 -9.92
CA GLU A 218 -16.46 -0.30 -9.45
C GLU A 218 -16.27 1.15 -9.02
N ASN A 219 -15.34 1.35 -8.07
CA ASN A 219 -14.93 2.66 -7.62
C ASN A 219 -14.30 3.42 -8.81
N ASP A 220 -14.48 4.75 -8.84
CA ASP A 220 -14.05 5.62 -9.95
C ASP A 220 -12.53 5.57 -10.17
N ALA A 221 -11.75 5.62 -9.08
CA ALA A 221 -10.29 5.55 -9.17
C ALA A 221 -9.83 4.19 -9.66
N ASN A 222 -10.55 3.11 -9.27
CA ASN A 222 -10.24 1.79 -9.82
C ASN A 222 -10.48 1.74 -11.33
N CYS A 223 -11.61 2.32 -11.81
CA CYS A 223 -11.87 2.39 -13.25
C CYS A 223 -10.78 3.16 -14.01
N PHE A 224 -10.39 4.29 -13.43
CA PHE A 224 -9.35 5.14 -14.02
C PHE A 224 -8.06 4.35 -14.19
N ALA A 225 -7.64 3.67 -13.11
CA ALA A 225 -6.40 2.92 -13.20
C ALA A 225 -6.50 1.80 -14.24
N LEU A 226 -7.65 1.11 -14.25
CA LEU A 226 -7.79 0.03 -15.22
C LEU A 226 -7.80 0.57 -16.67
N SER A 227 -8.44 1.72 -16.89
CA SER A 227 -8.43 2.40 -18.20
C SER A 227 -7.00 2.72 -18.64
N GLU A 228 -6.20 3.32 -17.75
CA GLU A 228 -4.81 3.68 -18.08
C GLU A 228 -3.93 2.45 -18.29
N ALA A 229 -4.15 1.41 -17.49
CA ALA A 229 -3.28 0.24 -17.49
C ALA A 229 -3.50 -0.61 -18.73
N TRP A 230 -4.66 -0.42 -19.38
CA TRP A 230 -4.99 -1.21 -20.55
CA TRP A 230 -5.02 -1.19 -20.56
C TRP A 230 -4.24 -0.70 -21.78
N ASP A 231 -3.66 0.51 -21.70
CA ASP A 231 -2.77 1.06 -22.72
C ASP A 231 -1.66 0.06 -23.04
N GLU A 232 -1.32 -0.04 -24.33
CA GLU A 232 -0.36 -1.03 -24.80
C GLU A 232 0.97 -0.86 -24.08
N ASP A 233 1.33 0.40 -23.84
CA ASP A 233 2.52 0.83 -23.11
C ASP A 233 2.65 0.22 -21.70
N LEU A 234 1.53 0.01 -20.99
CA LEU A 234 1.58 -0.36 -19.57
C LEU A 234 1.17 -1.83 -19.36
N ARG A 235 0.79 -2.51 -20.45
CA ARG A 235 0.01 -3.73 -20.36
C ARG A 235 0.73 -4.83 -19.61
N GLY A 236 2.06 -4.88 -19.74
CA GLY A 236 2.83 -5.87 -18.99
C GLY A 236 3.64 -5.29 -17.83
N GLU A 237 3.32 -4.08 -17.34
CA GLU A 237 4.00 -3.58 -16.14
C GLU A 237 3.56 -4.39 -14.92
N PRO A 238 4.47 -4.83 -14.01
CA PRO A 238 4.06 -5.60 -12.84
C PRO A 238 3.10 -4.89 -11.89
N SER A 239 3.12 -3.54 -11.89
CA SER A 239 2.16 -2.76 -11.09
C SER A 239 1.92 -1.37 -11.66
N VAL A 240 0.71 -0.88 -11.44
CA VAL A 240 0.34 0.46 -11.85
C VAL A 240 -0.50 1.05 -10.73
N LEU A 241 -0.19 2.29 -10.35
CA LEU A 241 -1.03 3.03 -9.42
C LEU A 241 -1.66 4.16 -10.22
N GLY A 242 -2.99 4.15 -10.26
CA GLY A 242 -3.68 5.31 -10.81
C GLY A 242 -4.09 6.23 -9.69
N LEU A 243 -3.71 7.49 -9.78
CA LEU A 243 -3.96 8.43 -8.72
C LEU A 243 -4.78 9.59 -9.26
N ILE A 244 -5.92 9.86 -8.59
CA ILE A 244 -6.78 10.97 -8.95
CA ILE A 244 -6.78 10.97 -8.95
C ILE A 244 -6.58 12.07 -7.92
N LEU A 245 -6.21 13.28 -8.39
CA LEU A 245 -6.10 14.48 -7.57
C LEU A 245 -7.09 15.48 -8.11
N GLY A 246 -8.28 15.51 -7.50
CA GLY A 246 -9.37 16.29 -8.06
C GLY A 246 -10.26 16.84 -6.97
N THR A 247 -11.52 16.44 -6.99
CA THR A 247 -12.48 16.72 -5.94
C THR A 247 -12.00 16.11 -4.62
N GLY A 248 -11.42 14.92 -4.74
CA GLY A 248 -10.75 14.29 -3.61
C GLY A 248 -9.47 13.63 -4.10
N VAL A 249 -8.95 12.74 -3.27
CA VAL A 249 -7.74 12.00 -3.63
C VAL A 249 -8.14 10.52 -3.67
N GLY A 250 -7.88 9.86 -4.80
CA GLY A 250 -8.28 8.47 -4.95
C GLY A 250 -7.16 7.65 -5.55
N GLY A 251 -7.10 6.36 -5.23
CA GLY A 251 -6.10 5.53 -5.88
C GLY A 251 -6.70 4.23 -6.41
N GLY A 252 -6.15 3.73 -7.51
CA GLY A 252 -6.53 2.46 -8.07
C GLY A 252 -5.27 1.63 -8.16
N LEU A 253 -5.28 0.43 -7.53
CA LEU A 253 -4.10 -0.42 -7.53
C LEU A 253 -4.26 -1.52 -8.57
N ILE A 254 -3.27 -1.66 -9.44
CA ILE A 254 -3.28 -2.72 -10.46
C ILE A 254 -2.01 -3.53 -10.25
N PHE A 255 -2.17 -4.85 -10.15
CA PHE A 255 -1.01 -5.75 -10.03
C PHE A 255 -1.08 -6.77 -11.15
N ASN A 256 0.01 -6.90 -11.92
CA ASN A 256 0.06 -7.72 -13.13
C ASN A 256 -1.23 -7.61 -13.93
N GLY A 257 -1.71 -6.40 -14.19
CA GLY A 257 -2.88 -6.18 -15.02
C GLY A 257 -4.24 -6.38 -14.35
N LYS A 258 -4.31 -6.75 -13.06
CA LYS A 258 -5.60 -6.94 -12.42
C LYS A 258 -5.83 -5.94 -11.26
N VAL A 259 -7.01 -5.33 -11.18
CA VAL A 259 -7.39 -4.45 -10.08
C VAL A 259 -7.32 -5.22 -8.75
N HIS A 260 -6.69 -4.65 -7.73
CA HIS A 260 -6.81 -5.14 -6.36
C HIS A 260 -7.88 -4.30 -5.71
N SER A 261 -9.08 -4.87 -5.48
CA SER A 261 -10.14 -4.04 -4.93
C SER A 261 -10.22 -4.09 -3.40
N GLY A 262 -9.67 -5.13 -2.80
CA GLY A 262 -9.52 -5.13 -1.36
C GLY A 262 -10.58 -5.98 -0.66
N ARG A 263 -10.27 -6.41 0.55
CA ARG A 263 -11.21 -7.14 1.40
C ARG A 263 -12.62 -6.55 1.43
N ALA A 264 -12.76 -5.21 1.54
CA ALA A 264 -14.07 -4.57 1.58
C ALA A 264 -14.20 -3.49 0.49
N ASN A 265 -13.51 -3.63 -0.65
CA ASN A 265 -13.60 -2.67 -1.74
C ASN A 265 -13.02 -1.31 -1.33
N ILE A 266 -12.02 -1.30 -0.43
CA ILE A 266 -11.45 -0.06 0.09
C ILE A 266 -10.02 0.12 -0.41
N ALA A 267 -9.45 -0.88 -1.08
CA ALA A 267 -8.10 -0.73 -1.57
C ALA A 267 -7.95 0.58 -2.36
N GLY A 268 -6.81 1.23 -2.10
CA GLY A 268 -6.43 2.46 -2.76
C GLY A 268 -7.12 3.69 -2.19
N GLU A 269 -7.81 3.58 -1.04
CA GLU A 269 -8.39 4.76 -0.40
C GLU A 269 -7.33 5.64 0.32
N ILE A 270 -6.28 6.02 -0.42
CA ILE A 270 -5.14 6.77 0.12
C ILE A 270 -5.57 8.16 0.60
N GLY A 271 -6.70 8.65 0.07
CA GLY A 271 -7.24 9.93 0.51
C GLY A 271 -7.64 9.93 1.98
N HIS A 272 -7.94 8.74 2.52
CA HIS A 272 -8.32 8.64 3.93
C HIS A 272 -7.21 8.04 4.79
N THR A 273 -5.96 8.33 4.41
CA THR A 273 -4.84 8.09 5.32
C THR A 273 -4.46 9.47 5.85
N ARG A 274 -3.91 9.52 7.08
CA ARG A 274 -3.62 10.76 7.79
C ARG A 274 -2.26 11.31 7.35
N LEU A 275 -2.08 12.63 7.45
CA LEU A 275 -0.84 13.25 7.04
C LEU A 275 0.30 12.55 7.78
N PRO A 276 1.42 12.21 7.15
CA PRO A 276 2.57 11.69 7.91
C PRO A 276 3.31 12.81 8.64
N TYR A 277 4.12 12.42 9.64
CA TYR A 277 4.95 13.29 10.45
C TYR A 277 5.72 14.32 9.61
N ASP A 278 6.41 13.90 8.55
CA ASP A 278 7.25 14.79 7.76
C ASP A 278 6.40 15.87 7.04
N ALA A 279 5.14 15.53 6.71
CA ALA A 279 4.19 16.50 6.13
C ALA A 279 3.76 17.50 7.21
N LEU A 280 3.47 17.00 8.41
CA LEU A 280 3.06 17.87 9.50
C LEU A 280 4.16 18.84 9.85
N LYS A 281 5.40 18.35 9.86
CA LYS A 281 6.55 19.18 10.13
C LYS A 281 6.62 20.30 9.09
N LEU A 282 6.47 19.97 7.80
CA LEU A 282 6.49 21.00 6.77
C LEU A 282 5.43 22.09 7.03
N LEU A 283 4.27 21.69 7.56
CA LEU A 283 3.14 22.61 7.73
C LEU A 283 3.14 23.24 9.13
N GLY A 284 4.21 23.07 9.92
CA GLY A 284 4.31 23.77 11.20
C GLY A 284 4.01 22.94 12.47
N MET A 285 3.93 21.60 12.36
CA MET A 285 3.69 20.72 13.50
C MET A 285 2.41 21.08 14.27
N GLU A 286 2.52 21.60 15.50
CA GLU A 286 1.34 21.92 16.29
C GLU A 286 0.56 23.10 15.69
N ASN A 287 1.20 23.87 14.80
CA ASN A 287 0.54 24.96 14.09
C ASN A 287 -0.05 24.53 12.75
N ALA A 288 0.18 23.30 12.31
CA ALA A 288 -0.32 22.84 11.02
C ALA A 288 -1.84 22.85 11.01
N PRO A 289 -2.52 23.23 9.90
CA PRO A 289 -3.98 23.18 9.87
C PRO A 289 -4.40 21.72 9.82
N ILE A 290 -5.35 21.36 10.68
CA ILE A 290 -5.84 20.00 10.73
C ILE A 290 -7.27 20.10 10.23
N PHE A 291 -7.47 19.73 8.96
CA PHE A 291 -8.77 19.87 8.32
C PHE A 291 -9.65 18.67 8.67
N PRO A 292 -10.97 18.91 8.92
CA PRO A 292 -11.93 17.80 9.08
C PRO A 292 -12.16 17.07 7.76
N CYS A 293 -12.62 15.82 7.84
CA CYS A 293 -12.76 15.05 6.63
C CYS A 293 -14.19 14.54 6.52
N GLY A 294 -14.64 14.32 5.29
CA GLY A 294 -15.95 13.72 5.06
C GLY A 294 -16.12 12.34 5.70
N CYS A 295 -15.03 11.60 5.93
CA CYS A 295 -15.14 10.26 6.50
C CYS A 295 -15.32 10.38 8.02
N LYS A 296 -15.26 11.62 8.54
CA LYS A 296 -15.40 11.93 9.95
C LYS A 296 -14.10 11.74 10.75
N ASN A 297 -13.00 11.32 10.12
CA ASN A 297 -11.73 11.38 10.82
C ASN A 297 -11.20 12.80 10.60
N SER A 298 -9.96 13.08 10.98
CA SER A 298 -9.43 14.40 10.73
C SER A 298 -7.96 14.31 10.32
N GLY A 299 -7.53 15.23 9.45
CA GLY A 299 -6.17 15.25 8.95
C GLY A 299 -5.92 14.26 7.81
N CYS A 300 -6.99 13.70 7.24
CA CYS A 300 -6.87 12.85 6.06
C CYS A 300 -6.30 13.66 4.88
N ILE A 301 -5.41 13.06 4.06
CA ILE A 301 -4.76 13.79 2.98
C ILE A 301 -5.75 14.21 1.87
N ASP A 302 -6.94 13.60 1.82
CA ASP A 302 -8.00 13.96 0.88
C ASP A 302 -8.30 15.46 0.92
N ASN A 303 -8.07 16.10 2.07
CA ASN A 303 -8.39 17.48 2.32
C ASN A 303 -7.16 18.39 2.19
N TYR A 304 -6.06 17.85 1.67
CA TYR A 304 -4.85 18.65 1.50
C TYR A 304 -4.35 18.59 0.05
N LEU A 305 -4.43 17.41 -0.58
CA LEU A 305 -3.82 17.19 -1.88
C LEU A 305 -4.85 17.26 -3.00
N SER A 306 -6.14 17.35 -2.67
CA SER A 306 -7.19 17.57 -3.65
C SER A 306 -7.15 19.03 -4.13
N GLY A 307 -7.94 19.32 -5.19
CA GLY A 307 -8.09 20.71 -5.63
C GLY A 307 -8.65 21.59 -4.51
N ARG A 308 -9.63 21.04 -3.77
CA ARG A 308 -10.18 21.74 -2.63
C ARG A 308 -9.12 21.88 -1.51
N GLY A 309 -8.29 20.85 -1.33
CA GLY A 309 -7.25 20.93 -0.30
C GLY A 309 -6.22 22.02 -0.62
N PHE A 310 -5.88 22.09 -1.90
CA PHE A 310 -4.98 23.11 -2.45
C PHE A 310 -5.52 24.49 -2.11
N GLU A 311 -6.83 24.68 -2.29
CA GLU A 311 -7.48 25.96 -1.99
C GLU A 311 -7.52 26.23 -0.49
N GLN A 312 -7.82 25.21 0.31
CA GLN A 312 -7.96 25.43 1.75
C GLN A 312 -6.59 25.77 2.34
N LEU A 313 -5.53 25.18 1.80
CA LEU A 313 -4.20 25.48 2.31
C LEU A 313 -3.83 26.91 1.96
N TYR A 314 -4.12 27.36 0.74
CA TYR A 314 -3.83 28.74 0.37
C TYR A 314 -4.54 29.72 1.32
N ASP A 315 -5.81 29.43 1.58
CA ASP A 315 -6.65 30.30 2.40
C ASP A 315 -6.17 30.29 3.85
N HIS A 316 -5.75 29.14 4.36
CA HIS A 316 -5.16 29.05 5.69
C HIS A 316 -4.00 30.01 5.86
N TYR A 317 -3.05 30.01 4.92
CA TYR A 317 -1.85 30.85 5.06
C TYR A 317 -2.11 32.30 4.64
N PHE A 318 -3.07 32.59 3.76
CA PHE A 318 -3.13 33.95 3.19
C PHE A 318 -4.48 34.65 3.38
N SER A 319 -5.48 33.95 3.95
CA SER A 319 -6.78 34.54 4.28
C SER A 319 -7.44 35.20 3.06
N GLU A 320 -7.49 34.47 1.96
CA GLU A 320 -8.23 34.91 0.78
C GLU A 320 -8.85 33.67 0.13
N LYS A 321 -10.11 33.75 -0.27
CA LYS A 321 -10.78 32.57 -0.78
C LYS A 321 -10.66 32.48 -2.31
N LEU A 322 -9.51 32.01 -2.81
CA LEU A 322 -9.29 31.90 -4.25
C LEU A 322 -9.49 30.45 -4.70
N SER A 323 -9.86 30.28 -5.98
CA SER A 323 -9.98 28.96 -6.58
C SER A 323 -8.58 28.46 -6.95
N ALA A 324 -8.46 27.14 -7.11
CA ALA A 324 -7.19 26.57 -7.57
C ALA A 324 -6.76 27.21 -8.89
N PRO A 325 -7.65 27.36 -9.90
CA PRO A 325 -7.23 27.96 -11.18
C PRO A 325 -6.70 29.37 -11.03
N GLU A 326 -7.35 30.15 -10.13
CA GLU A 326 -6.87 31.50 -9.96
C GLU A 326 -5.50 31.51 -9.24
N ILE A 327 -5.33 30.65 -8.21
CA ILE A 327 -4.01 30.58 -7.56
C ILE A 327 -2.94 30.22 -8.58
N ILE A 328 -3.28 29.26 -9.45
CA ILE A 328 -2.30 28.79 -10.42
C ILE A 328 -1.96 29.90 -11.40
N ALA A 329 -2.99 30.66 -11.84
CA ALA A 329 -2.76 31.81 -12.72
C ALA A 329 -1.80 32.81 -12.06
N HIS A 330 -2.03 33.08 -10.78
CA HIS A 330 -1.16 34.02 -10.08
C HIS A 330 0.26 33.44 -9.94
N TYR A 331 0.36 32.12 -9.73
CA TYR A 331 1.66 31.44 -9.74
C TYR A 331 2.36 31.71 -11.07
N GLU A 332 1.65 31.54 -12.18
CA GLU A 332 2.25 31.74 -13.50
C GLU A 332 2.68 33.19 -13.68
N GLN A 333 2.07 34.14 -12.96
CA GLN A 333 2.54 35.54 -13.02
C GLN A 333 3.68 35.77 -12.05
N GLY A 334 4.06 34.77 -11.25
CA GLY A 334 5.20 34.93 -10.35
C GLY A 334 4.81 35.64 -9.07
N GLU A 335 3.52 35.72 -8.74
CA GLU A 335 3.11 36.50 -7.58
C GLU A 335 3.56 35.80 -6.29
N ARG A 336 3.92 36.59 -5.27
CA ARG A 336 4.63 36.17 -4.06
C ARG A 336 3.89 35.05 -3.29
N ARG A 337 2.65 35.30 -2.91
CA ARG A 337 1.87 34.36 -2.11
C ARG A 337 1.65 33.03 -2.85
N ALA A 338 1.30 33.13 -4.14
CA ALA A 338 1.04 31.94 -4.94
C ALA A 338 2.31 31.11 -5.16
N VAL A 339 3.48 31.77 -5.34
CA VAL A 339 4.73 31.04 -5.50
C VAL A 339 5.07 30.31 -4.18
N GLN A 340 4.85 30.96 -3.03
CA GLN A 340 5.10 30.38 -1.74
C GLN A 340 4.19 29.16 -1.53
N HIS A 341 2.91 29.32 -1.84
CA HIS A 341 1.91 28.28 -1.71
C HIS A 341 2.23 27.05 -2.55
N VAL A 342 2.63 27.28 -3.79
CA VAL A 342 2.89 26.22 -4.76
C VAL A 342 4.14 25.43 -4.36
N GLU A 343 5.18 26.12 -3.89
CA GLU A 343 6.39 25.47 -3.38
C GLU A 343 6.04 24.54 -2.21
N ARG A 344 5.25 25.03 -1.26
CA ARG A 344 4.77 24.29 -0.12
C ARG A 344 3.93 23.11 -0.59
N PHE A 345 3.02 23.36 -1.55
CA PHE A 345 2.13 22.29 -2.02
C PHE A 345 2.93 21.18 -2.71
N MET A 346 3.90 21.53 -3.57
CA MET A 346 4.66 20.51 -4.29
C MET A 346 5.51 19.68 -3.29
N GLU A 347 6.04 20.32 -2.24
CA GLU A 347 6.83 19.60 -1.24
C GLU A 347 5.92 18.66 -0.44
N LEU A 348 4.71 19.11 -0.09
CA LEU A 348 3.71 18.33 0.65
C LEU A 348 3.29 17.12 -0.18
N LEU A 349 3.07 17.36 -1.46
CA LEU A 349 2.69 16.30 -2.37
C LEU A 349 3.79 15.23 -2.46
N ALA A 350 5.02 15.67 -2.60
CA ALA A 350 6.15 14.74 -2.69
C ALA A 350 6.32 13.93 -1.40
N ILE A 351 6.18 14.57 -0.24
CA ILE A 351 6.31 13.91 1.04
C ILE A 351 5.22 12.83 1.17
N CYS A 352 3.97 13.19 0.91
CA CYS A 352 2.85 12.28 1.06
C CYS A 352 3.00 11.11 0.11
N LEU A 353 3.33 11.39 -1.16
CA LEU A 353 3.46 10.31 -2.12
C LEU A 353 4.67 9.41 -1.83
N ALA A 354 5.79 9.97 -1.36
CA ALA A 354 6.95 9.15 -1.05
C ALA A 354 6.61 8.17 0.08
N ASN A 355 5.84 8.61 1.08
CA ASN A 355 5.36 7.69 2.12
C ASN A 355 4.56 6.55 1.52
N ILE A 356 3.62 6.88 0.64
CA ILE A 356 2.82 5.86 -0.04
C ILE A 356 3.69 4.96 -0.90
N PHE A 357 4.70 5.54 -1.60
CA PHE A 357 5.52 4.76 -2.51
C PHE A 357 6.49 3.85 -1.74
N THR A 358 6.74 4.17 -0.48
CA THR A 358 7.64 3.34 0.30
C THR A 358 6.89 2.05 0.73
N CYS A 359 5.57 2.12 0.82
CA CYS A 359 4.72 0.95 1.03
C CYS A 359 4.44 0.18 -0.27
N LEU A 360 3.98 0.89 -1.32
CA LEU A 360 3.47 0.25 -2.52
C LEU A 360 4.54 0.04 -3.59
N ASP A 361 5.57 0.90 -3.63
CA ASP A 361 6.65 0.82 -4.63
C ASP A 361 6.12 0.55 -6.05
N PRO A 362 5.20 1.36 -6.60
CA PRO A 362 4.60 1.06 -7.91
C PRO A 362 5.60 1.26 -9.04
N HIS A 363 5.47 0.48 -10.12
CA HIS A 363 6.33 0.62 -11.30
C HIS A 363 5.93 1.85 -12.11
N VAL A 364 4.62 2.16 -12.15
CA VAL A 364 4.10 3.28 -12.92
C VAL A 364 3.07 3.99 -12.05
N VAL A 365 3.12 5.33 -12.03
CA VAL A 365 2.11 6.15 -11.39
C VAL A 365 1.47 7.02 -12.47
N VAL A 366 0.15 6.95 -12.65
CA VAL A 366 -0.57 7.74 -13.65
C VAL A 366 -1.45 8.71 -12.90
N LEU A 367 -1.38 10.02 -13.22
CA LEU A 367 -2.17 11.02 -12.51
C LEU A 367 -3.35 11.47 -13.38
N GLY A 368 -4.51 11.64 -12.74
CA GLY A 368 -5.75 12.09 -13.33
C GLY A 368 -6.44 13.06 -12.37
N GLY A 369 -7.59 13.60 -12.79
CA GLY A 369 -8.31 14.59 -12.04
C GLY A 369 -7.83 16.00 -12.40
N GLY A 370 -8.51 17.02 -11.86
CA GLY A 370 -8.26 18.42 -12.21
C GLY A 370 -6.82 18.88 -12.01
N LEU A 371 -6.20 18.52 -10.87
CA LEU A 371 -4.86 18.98 -10.53
C LEU A 371 -3.82 18.29 -11.40
N SER A 372 -4.19 17.15 -11.99
CA SER A 372 -3.28 16.50 -12.91
C SER A 372 -3.00 17.35 -14.16
N ASN A 373 -3.79 18.40 -14.39
CA ASN A 373 -3.54 19.29 -15.51
C ASN A 373 -2.56 20.40 -15.10
N PHE A 374 -2.15 20.47 -13.83
CA PHE A 374 -1.12 21.43 -13.42
C PHE A 374 0.24 20.87 -13.81
N GLU A 375 0.80 21.33 -14.95
CA GLU A 375 1.96 20.68 -15.59
C GLU A 375 3.21 20.68 -14.70
N LEU A 376 3.36 21.70 -13.84
CA LEU A 376 4.48 21.80 -12.93
C LEU A 376 4.71 20.50 -12.11
N ILE A 377 3.63 19.76 -11.82
CA ILE A 377 3.70 18.54 -11.03
C ILE A 377 4.68 17.55 -11.68
N TYR A 378 4.65 17.40 -13.00
CA TYR A 378 5.48 16.42 -13.71
C TYR A 378 6.95 16.81 -13.70
N GLN A 379 7.24 18.08 -13.42
CA GLN A 379 8.61 18.53 -13.31
C GLN A 379 9.05 18.41 -11.87
N GLU A 380 8.20 18.84 -10.94
CA GLU A 380 8.60 18.95 -9.53
C GLU A 380 8.61 17.60 -8.80
N LEU A 381 7.69 16.67 -9.12
CA LEU A 381 7.62 15.41 -8.37
C LEU A 381 8.92 14.62 -8.49
N PRO A 382 9.44 14.37 -9.71
CA PRO A 382 10.68 13.65 -9.88
C PRO A 382 11.87 14.33 -9.19
N LYS A 383 11.85 15.65 -9.09
CA LYS A 383 12.94 16.34 -8.43
C LYS A 383 12.81 16.19 -6.92
N ARG A 384 11.58 16.23 -6.37
CA ARG A 384 11.44 16.31 -4.92
C ARG A 384 11.28 14.94 -4.24
N LEU A 385 10.82 13.90 -4.95
CA LEU A 385 10.56 12.59 -4.33
C LEU A 385 11.84 11.94 -3.77
N PRO A 386 13.00 11.95 -4.47
CA PRO A 386 14.18 11.22 -4.00
C PRO A 386 14.61 11.53 -2.57
N ALA A 387 14.40 12.77 -2.14
CA ALA A 387 14.77 13.14 -0.79
C ALA A 387 13.96 12.39 0.26
N HIS A 388 12.72 12.02 -0.06
CA HIS A 388 11.83 11.45 0.95
C HIS A 388 11.68 9.93 0.79
N LEU A 389 12.18 9.38 -0.33
CA LEU A 389 12.18 7.94 -0.57
C LEU A 389 13.40 7.35 0.10
N LEU A 390 13.46 6.01 0.23
CA LEU A 390 14.64 5.35 0.74
C LEU A 390 15.77 5.63 -0.24
N HIS A 391 17.00 5.62 0.28
CA HIS A 391 18.20 5.89 -0.50
C HIS A 391 18.35 4.95 -1.70
N VAL A 392 17.90 3.71 -1.55
CA VAL A 392 18.04 2.72 -2.62
CA VAL A 392 18.04 2.71 -2.61
C VAL A 392 16.83 2.73 -3.55
N ALA A 393 15.82 3.57 -3.26
CA ALA A 393 14.60 3.60 -4.08
C ALA A 393 14.86 4.20 -5.46
N LYS A 394 14.08 3.75 -6.44
CA LYS A 394 14.12 4.33 -7.77
C LYS A 394 12.77 4.94 -8.07
N LEU A 395 12.73 6.01 -8.86
CA LEU A 395 11.48 6.70 -9.13
C LEU A 395 10.58 5.77 -9.93
N PRO A 396 9.26 5.81 -9.70
CA PRO A 396 8.36 5.13 -10.64
C PRO A 396 8.36 5.93 -11.94
N LYS A 397 7.90 5.32 -13.03
CA LYS A 397 7.52 6.09 -14.21
C LYS A 397 6.26 6.88 -13.85
N ILE A 398 6.35 8.22 -13.88
CA ILE A 398 5.25 9.12 -13.52
C ILE A 398 4.70 9.77 -14.80
N ILE A 399 3.39 9.61 -15.09
CA ILE A 399 2.83 10.07 -16.36
C ILE A 399 1.47 10.71 -16.13
N LYS A 400 1.14 11.69 -16.99
CA LYS A 400 -0.20 12.28 -17.01
C LYS A 400 -1.11 11.26 -17.73
N ALA A 401 -2.37 11.14 -17.30
CA ALA A 401 -3.34 10.26 -17.96
C ALA A 401 -3.30 10.38 -19.49
N ARG A 402 -3.28 9.25 -20.19
CA ARG A 402 -3.19 9.19 -21.64
C ARG A 402 -4.56 9.35 -22.30
N HIS A 403 -5.63 9.29 -21.50
CA HIS A 403 -6.98 9.33 -22.06
C HIS A 403 -7.76 10.48 -21.44
N GLY A 404 -7.03 11.48 -20.96
CA GLY A 404 -7.63 12.71 -20.46
C GLY A 404 -8.62 12.44 -19.34
N ASP A 405 -9.89 12.81 -19.57
CA ASP A 405 -10.90 12.77 -18.53
C ASP A 405 -11.80 11.55 -18.77
N ALA A 406 -11.40 10.62 -19.65
CA ALA A 406 -12.34 9.57 -20.05
C ALA A 406 -12.10 8.25 -19.30
N GLY A 407 -11.13 8.22 -18.38
CA GLY A 407 -10.75 6.98 -17.70
C GLY A 407 -11.88 6.29 -16.93
N GLY A 408 -12.73 7.11 -16.32
CA GLY A 408 -13.90 6.65 -15.60
C GLY A 408 -14.83 5.85 -16.50
N VAL A 409 -15.16 6.45 -17.64
CA VAL A 409 -16.09 5.83 -18.57
C VAL A 409 -15.45 4.61 -19.21
N ARG A 410 -14.19 4.74 -19.64
CA ARG A 410 -13.54 3.63 -20.32
C ARG A 410 -13.33 2.46 -19.35
N GLY A 411 -12.93 2.77 -18.11
CA GLY A 411 -12.61 1.70 -17.18
C GLY A 411 -13.89 0.94 -16.80
N ALA A 412 -14.96 1.71 -16.62
CA ALA A 412 -16.27 1.16 -16.27
C ALA A 412 -16.72 0.24 -17.39
N ALA A 413 -16.57 0.69 -18.65
CA ALA A 413 -16.91 -0.16 -19.78
C ALA A 413 -16.01 -1.40 -19.82
N PHE A 414 -14.73 -1.26 -19.49
CA PHE A 414 -13.79 -2.36 -19.68
C PHE A 414 -13.85 -3.36 -18.52
N LEU A 415 -14.79 -3.17 -17.58
CA LEU A 415 -14.95 -4.11 -16.48
C LEU A 415 -15.37 -5.47 -17.04
N ASN A 416 -16.11 -5.42 -18.17
CA ASN A 416 -16.73 -6.56 -18.83
C ASN A 416 -15.93 -6.96 -20.07
N LEU A 417 -14.61 -6.80 -20.03
CA LEU A 417 -13.77 -7.04 -21.19
C LEU A 417 -13.03 -8.35 -20.98
N GLY B 114 16.00 -36.65 -7.49
CA GLY B 114 14.90 -35.85 -6.91
C GLY B 114 15.27 -34.37 -6.75
N THR B 115 14.23 -33.54 -6.63
CA THR B 115 14.30 -32.11 -6.41
C THR B 115 14.50 -31.80 -4.91
N MET B 116 15.62 -31.14 -4.59
CA MET B 116 15.84 -30.56 -3.28
C MET B 116 15.77 -29.03 -3.36
N TYR B 117 15.24 -28.40 -2.31
CA TYR B 117 15.20 -26.94 -2.24
C TYR B 117 15.89 -26.45 -0.99
N TYR B 118 16.92 -25.63 -1.16
CA TYR B 118 17.60 -25.03 -0.02
C TYR B 118 17.09 -23.62 0.22
N GLY B 119 17.08 -23.23 1.50
CA GLY B 119 16.68 -21.92 1.96
C GLY B 119 17.61 -21.46 3.06
N PHE B 120 17.92 -20.15 3.05
CA PHE B 120 18.70 -19.49 4.07
C PHE B 120 17.95 -18.27 4.57
N ASP B 121 17.96 -18.09 5.88
CA ASP B 121 17.45 -16.92 6.56
C ASP B 121 18.63 -16.24 7.28
N ILE B 122 19.13 -15.16 6.68
CA ILE B 122 20.32 -14.50 7.21
C ILE B 122 19.91 -13.31 8.07
N GLY B 123 20.24 -13.40 9.36
CA GLY B 123 19.84 -12.39 10.34
C GLY B 123 21.06 -11.63 10.87
N GLY B 124 20.80 -10.58 11.67
CA GLY B 124 21.80 -9.83 12.40
C GLY B 124 22.72 -10.70 13.27
N THR B 125 22.14 -11.64 14.02
CA THR B 125 22.89 -12.41 15.00
C THR B 125 23.29 -13.79 14.47
N LYS B 126 22.39 -14.51 13.76
CA LYS B 126 22.72 -15.84 13.23
C LYS B 126 22.12 -16.06 11.83
N ILE B 127 22.78 -16.91 11.04
CA ILE B 127 22.27 -17.49 9.80
C ILE B 127 21.56 -18.83 10.07
N GLU B 128 20.33 -19.02 9.54
CA GLU B 128 19.64 -20.33 9.57
C GLU B 128 19.50 -20.95 8.18
N PHE B 129 19.89 -22.22 8.06
CA PHE B 129 19.81 -23.02 6.84
C PHE B 129 18.73 -24.11 6.97
N GLY B 130 18.15 -24.52 5.85
CA GLY B 130 17.09 -25.49 5.80
C GLY B 130 17.04 -26.17 4.43
N ALA B 131 16.76 -27.47 4.40
CA ALA B 131 16.61 -28.19 3.15
C ALA B 131 15.30 -28.95 3.14
N PHE B 132 14.60 -28.87 2.00
CA PHE B 132 13.27 -29.40 1.80
C PHE B 132 13.29 -30.31 0.57
N ASP B 133 12.56 -31.43 0.62
CA ASP B 133 12.54 -32.39 -0.47
C ASP B 133 11.28 -32.19 -1.31
N ALA B 134 11.02 -33.12 -2.24
CA ALA B 134 9.98 -32.93 -3.25
C ALA B 134 8.64 -32.76 -2.56
N ASP B 135 8.55 -33.31 -1.35
CA ASP B 135 7.31 -33.32 -0.58
C ASP B 135 7.30 -32.10 0.35
N LEU B 136 8.43 -31.39 0.42
CA LEU B 136 8.57 -30.19 1.23
C LEU B 136 8.77 -30.52 2.72
N VAL B 137 9.37 -31.67 3.00
CA VAL B 137 9.69 -32.10 4.34
C VAL B 137 11.07 -31.53 4.64
N ARG B 138 11.19 -30.88 5.79
CA ARG B 138 12.47 -30.31 6.19
C ARG B 138 13.41 -31.39 6.69
N VAL B 139 14.46 -31.66 5.92
CA VAL B 139 15.36 -32.78 6.17
C VAL B 139 16.66 -32.27 6.74
N ALA B 140 16.84 -30.95 6.80
CA ALA B 140 18.03 -30.37 7.40
C ALA B 140 17.68 -29.02 8.00
N ARG B 141 18.35 -28.71 9.12
CA ARG B 141 18.26 -27.47 9.86
C ARG B 141 19.59 -27.21 10.58
N GLU B 142 20.28 -26.10 10.27
CA GLU B 142 21.50 -25.68 10.94
C GLU B 142 21.48 -24.19 11.18
N ARG B 143 22.11 -23.77 12.27
CA ARG B 143 22.26 -22.37 12.60
C ARG B 143 23.73 -22.03 12.87
N VAL B 144 24.36 -21.22 12.01
CA VAL B 144 25.68 -20.67 12.28
C VAL B 144 25.56 -19.19 12.65
N ALA B 145 26.55 -18.66 13.39
CA ALA B 145 26.53 -17.25 13.77
C ALA B 145 26.78 -16.37 12.55
N THR B 146 26.24 -15.15 12.60
CA THR B 146 26.37 -14.23 11.47
C THR B 146 27.79 -13.65 11.48
N PRO B 147 28.72 -14.09 10.58
CA PRO B 147 30.08 -13.52 10.51
C PRO B 147 30.07 -12.03 10.15
N THR B 148 30.50 -11.18 11.10
CA THR B 148 30.50 -9.74 10.91
C THR B 148 31.92 -9.19 11.06
N GLU B 149 32.18 -8.08 10.36
CA GLU B 149 33.48 -7.41 10.31
C GLU B 149 34.45 -8.07 9.32
N SER B 150 34.02 -9.18 8.68
CA SER B 150 34.59 -9.59 7.41
C SER B 150 33.43 -10.00 6.50
N TYR B 151 33.55 -9.72 5.19
CA TYR B 151 32.59 -10.19 4.21
C TYR B 151 33.13 -11.46 3.52
N ALA B 152 34.42 -11.71 3.71
CA ALA B 152 35.05 -12.93 3.22
C ALA B 152 34.48 -14.11 4.01
N ALA B 153 34.14 -13.80 5.28
CA ALA B 153 33.74 -14.76 6.30
C ALA B 153 32.22 -14.98 6.26
N PHE B 154 31.47 -13.92 5.96
CA PHE B 154 30.05 -13.99 5.65
C PHE B 154 29.82 -14.97 4.51
N LEU B 155 30.44 -14.67 3.35
CA LEU B 155 30.31 -15.47 2.14
C LEU B 155 30.56 -16.94 2.46
N ASP B 156 31.61 -17.21 3.25
CA ASP B 156 32.12 -18.55 3.49
C ASP B 156 31.07 -19.43 4.18
N ALA B 157 30.58 -18.92 5.32
CA ALA B 157 29.54 -19.55 6.13
C ALA B 157 28.43 -20.11 5.24
N ILE B 158 27.99 -19.33 4.24
CA ILE B 158 26.88 -19.73 3.37
C ILE B 158 27.30 -20.87 2.44
N VAL B 159 28.45 -20.74 1.78
CA VAL B 159 28.84 -21.72 0.78
C VAL B 159 29.28 -23.03 1.45
N THR B 160 29.85 -22.91 2.67
CA THR B 160 30.05 -23.99 3.62
C THR B 160 28.82 -24.91 3.68
N LEU B 161 27.69 -24.36 4.16
CA LEU B 161 26.45 -25.08 4.45
C LEU B 161 25.85 -25.69 3.19
N VAL B 162 26.05 -25.04 2.04
CA VAL B 162 25.46 -25.57 0.82
C VAL B 162 26.21 -26.84 0.48
N ASN B 163 27.51 -26.84 0.79
CA ASN B 163 28.44 -27.86 0.33
C ASN B 163 28.23 -29.13 1.15
N ASN B 164 28.40 -28.99 2.48
CA ASN B 164 28.04 -30.00 3.46
C ASN B 164 26.79 -30.75 3.01
N ALA B 165 25.73 -29.99 2.70
CA ALA B 165 24.41 -30.50 2.39
C ALA B 165 24.38 -31.16 1.01
N ASP B 166 25.20 -30.66 0.08
CA ASP B 166 25.29 -31.21 -1.26
C ASP B 166 25.77 -32.65 -1.18
N ALA B 167 26.83 -32.83 -0.36
CA ALA B 167 27.44 -34.13 -0.08
C ALA B 167 26.38 -35.03 0.55
N GLU B 168 25.95 -34.65 1.76
CA GLU B 168 25.14 -35.42 2.69
C GLU B 168 23.87 -36.00 2.05
N PHE B 169 23.35 -35.40 0.98
CA PHE B 169 22.10 -35.87 0.37
C PHE B 169 22.38 -36.34 -1.05
N GLY B 170 23.66 -36.20 -1.44
CA GLY B 170 24.15 -36.52 -2.78
C GLY B 170 23.39 -35.77 -3.87
N VAL B 171 23.29 -34.45 -3.73
CA VAL B 171 22.74 -33.63 -4.81
C VAL B 171 23.16 -32.17 -4.63
N LYS B 172 22.87 -31.34 -5.65
CA LYS B 172 22.93 -29.90 -5.55
C LYS B 172 21.54 -29.34 -5.89
N GLY B 173 20.87 -28.75 -4.89
CA GLY B 173 19.50 -28.30 -5.03
C GLY B 173 19.37 -26.79 -5.28
N THR B 174 18.18 -26.35 -5.70
CA THR B 174 17.85 -24.95 -5.90
C THR B 174 18.14 -24.17 -4.63
N VAL B 175 18.61 -22.92 -4.78
CA VAL B 175 19.04 -22.12 -3.65
C VAL B 175 18.24 -20.81 -3.58
N GLY B 176 17.73 -20.50 -2.38
CA GLY B 176 17.04 -19.25 -2.07
C GLY B 176 17.62 -18.63 -0.81
N ILE B 177 17.72 -17.29 -0.81
CA ILE B 177 18.25 -16.54 0.32
C ILE B 177 17.26 -15.44 0.75
N GLY B 178 16.94 -15.38 2.05
CA GLY B 178 16.15 -14.30 2.61
C GLY B 178 17.05 -13.45 3.49
N ILE B 179 17.05 -12.13 3.27
CA ILE B 179 17.90 -11.23 4.05
C ILE B 179 17.13 -9.99 4.39
N PRO B 180 17.46 -9.29 5.50
CA PRO B 180 16.75 -8.06 5.85
C PRO B 180 17.33 -7.00 4.92
N GLY B 181 16.52 -6.02 4.50
CA GLY B 181 16.99 -5.10 3.46
C GLY B 181 16.77 -5.60 2.04
N ILE B 182 17.43 -4.95 1.08
CA ILE B 182 17.01 -4.84 -0.32
C ILE B 182 18.21 -5.05 -1.24
N ALA B 183 18.11 -5.97 -2.18
CA ALA B 183 19.07 -6.04 -3.28
C ALA B 183 18.72 -5.00 -4.36
N ASP B 184 19.64 -4.06 -4.61
CA ASP B 184 19.42 -3.03 -5.62
C ASP B 184 18.97 -3.67 -6.93
N VAL B 185 17.85 -3.19 -7.43
CA VAL B 185 17.28 -3.84 -8.59
C VAL B 185 18.16 -3.63 -9.84
N GLU B 186 19.09 -2.67 -9.79
CA GLU B 186 19.98 -2.43 -10.94
C GLU B 186 21.34 -3.10 -10.76
N THR B 187 22.03 -2.81 -9.65
CA THR B 187 23.41 -3.26 -9.44
C THR B 187 23.51 -4.64 -8.77
N GLY B 188 22.59 -4.98 -7.86
CA GLY B 188 22.64 -6.26 -7.17
C GLY B 188 23.21 -6.14 -5.76
N LYS B 189 23.43 -4.91 -5.28
CA LYS B 189 24.10 -4.65 -4.04
C LYS B 189 23.08 -4.46 -2.92
N LEU B 190 23.42 -4.95 -1.71
CA LEU B 190 22.52 -4.90 -0.57
C LEU B 190 22.56 -3.58 0.20
N LEU B 191 21.40 -3.01 0.54
CA LEU B 191 21.27 -2.13 1.69
C LEU B 191 20.69 -2.91 2.87
N THR B 192 21.54 -3.22 3.86
CA THR B 192 21.17 -3.99 5.03
C THR B 192 21.99 -3.53 6.23
N SER B 193 21.43 -2.58 6.98
CA SER B 193 22.12 -1.97 8.10
C SER B 193 22.06 -2.87 9.33
N ASN B 194 21.41 -4.04 9.19
CA ASN B 194 21.39 -5.06 10.23
C ASN B 194 22.67 -5.90 10.14
N ILE B 195 23.18 -6.08 8.92
CA ILE B 195 24.33 -6.92 8.67
C ILE B 195 25.47 -6.05 8.18
N PRO B 196 26.41 -5.64 9.07
CA PRO B 196 27.53 -4.81 8.66
C PRO B 196 28.33 -5.47 7.53
N ALA B 197 28.58 -6.77 7.65
CA ALA B 197 29.53 -7.49 6.81
C ALA B 197 29.07 -7.60 5.36
N ALA B 198 27.75 -7.45 5.16
CA ALA B 198 27.15 -7.75 3.87
C ALA B 198 27.04 -6.51 3.00
N MET B 199 26.67 -5.39 3.64
CA MET B 199 26.28 -4.11 3.04
C MET B 199 27.16 -3.78 1.85
N GLY B 200 26.52 -3.42 0.73
CA GLY B 200 27.22 -2.90 -0.44
C GLY B 200 27.69 -3.97 -1.40
N HIS B 201 27.64 -5.24 -1.01
CA HIS B 201 28.19 -6.25 -1.92
C HIS B 201 27.13 -6.84 -2.84
N THR B 202 27.57 -7.49 -3.93
CA THR B 202 26.62 -8.10 -4.85
C THR B 202 26.42 -9.59 -4.54
N LEU B 203 25.73 -9.81 -3.42
CA LEU B 203 25.58 -11.13 -2.80
C LEU B 203 25.18 -12.19 -3.82
N GLN B 204 24.18 -11.88 -4.64
CA GLN B 204 23.68 -12.84 -5.60
C GLN B 204 24.81 -13.37 -6.46
N ARG B 205 25.54 -12.48 -7.16
CA ARG B 205 26.52 -12.81 -8.19
C ARG B 205 27.67 -13.69 -7.66
N ASP B 206 28.30 -13.23 -6.57
CA ASP B 206 29.24 -14.00 -5.77
C ASP B 206 28.81 -15.47 -5.69
N LEU B 207 27.64 -15.71 -5.06
CA LEU B 207 27.17 -17.06 -4.80
C LEU B 207 26.84 -17.77 -6.12
N GLU B 208 26.49 -17.01 -7.17
CA GLU B 208 25.87 -17.62 -8.33
C GLU B 208 26.89 -18.37 -9.18
N GLU B 209 28.15 -17.95 -9.07
CA GLU B 209 29.21 -18.56 -9.86
C GLU B 209 30.01 -19.49 -8.95
N ARG B 210 30.25 -19.03 -7.72
CA ARG B 210 30.96 -19.81 -6.71
C ARG B 210 30.07 -20.94 -6.20
N LEU B 211 29.15 -21.43 -7.04
CA LEU B 211 28.18 -22.43 -6.64
C LEU B 211 27.61 -23.10 -7.88
N GLN B 212 27.87 -22.50 -9.05
CA GLN B 212 27.65 -23.12 -10.35
C GLN B 212 26.16 -23.28 -10.61
N ARG B 213 25.34 -22.35 -10.10
CA ARG B 213 23.92 -22.43 -10.36
C ARG B 213 23.19 -21.12 -9.97
N PRO B 214 21.97 -20.91 -10.50
CA PRO B 214 21.16 -19.71 -10.19
C PRO B 214 20.79 -19.61 -8.71
N VAL B 215 21.01 -18.43 -8.13
CA VAL B 215 20.66 -18.11 -6.76
C VAL B 215 19.60 -17.02 -6.75
N LYS B 216 18.44 -17.27 -6.09
CA LYS B 216 17.43 -16.25 -5.87
C LYS B 216 17.62 -15.58 -4.52
N ILE B 217 17.41 -14.26 -4.48
CA ILE B 217 17.52 -13.50 -3.24
C ILE B 217 16.25 -12.70 -3.03
N GLU B 218 15.81 -12.60 -1.76
CA GLU B 218 14.54 -11.94 -1.47
C GLU B 218 14.62 -11.34 -0.07
N ASN B 219 13.88 -10.25 0.12
CA ASN B 219 13.75 -9.61 1.41
C ASN B 219 13.10 -10.60 2.40
N ASP B 220 13.47 -10.51 3.68
CA ASP B 220 13.03 -11.44 4.73
C ASP B 220 11.51 -11.41 4.93
N ALA B 221 10.92 -10.20 4.96
CA ALA B 221 9.46 -10.06 5.12
C ALA B 221 8.71 -10.63 3.92
N ASN B 222 9.27 -10.49 2.70
CA ASN B 222 8.66 -11.09 1.53
C ASN B 222 8.70 -12.61 1.65
N CYS B 223 9.82 -13.20 2.11
CA CYS B 223 9.91 -14.64 2.32
C CYS B 223 8.86 -15.15 3.33
N PHE B 224 8.72 -14.40 4.42
CA PHE B 224 7.76 -14.71 5.46
C PHE B 224 6.34 -14.75 4.89
N ALA B 225 5.96 -13.69 4.16
CA ALA B 225 4.63 -13.65 3.57
C ALA B 225 4.44 -14.81 2.58
N LEU B 226 5.45 -15.10 1.77
N LEU B 226 5.48 -15.11 1.80
CA LEU B 226 5.33 -16.17 0.80
CA LEU B 226 5.37 -16.17 0.81
C LEU B 226 5.16 -17.52 1.50
C LEU B 226 5.15 -17.52 1.51
N SER B 227 5.94 -17.76 2.56
CA SER B 227 5.87 -18.97 3.37
C SER B 227 4.45 -19.13 3.94
N GLU B 228 3.90 -18.08 4.56
CA GLU B 228 2.58 -18.15 5.18
C GLU B 228 1.48 -18.32 4.13
N ALA B 229 1.62 -17.63 3.00
CA ALA B 229 0.56 -17.59 1.98
C ALA B 229 0.48 -18.91 1.23
N TRP B 230 1.57 -19.70 1.26
CA TRP B 230 1.60 -20.98 0.59
C TRP B 230 0.77 -22.03 1.34
N ASP B 231 0.46 -21.78 2.61
CA ASP B 231 -0.45 -22.62 3.39
C ASP B 231 -1.75 -22.83 2.63
N GLU B 232 -2.30 -24.06 2.71
CA GLU B 232 -3.48 -24.42 1.95
C GLU B 232 -4.61 -23.42 2.19
N ASP B 233 -4.75 -23.05 3.48
CA ASP B 233 -5.73 -22.10 3.99
C ASP B 233 -5.70 -20.72 3.31
N LEU B 234 -4.53 -20.24 2.85
CA LEU B 234 -4.41 -18.86 2.40
C LEU B 234 -4.22 -18.79 0.88
N ARG B 235 -3.93 -19.94 0.27
CA ARG B 235 -3.38 -20.03 -1.08
C ARG B 235 -4.32 -19.39 -2.10
N GLY B 236 -5.63 -19.38 -1.83
CA GLY B 236 -6.54 -18.76 -2.78
C GLY B 236 -7.11 -17.42 -2.35
N GLU B 237 -6.57 -16.82 -1.29
CA GLU B 237 -7.05 -15.49 -0.90
C GLU B 237 -6.60 -14.46 -1.93
N PRO B 238 -7.43 -13.45 -2.31
CA PRO B 238 -7.01 -12.43 -3.27
C PRO B 238 -5.81 -11.58 -2.83
N SER B 239 -5.61 -11.44 -1.50
CA SER B 239 -4.43 -10.72 -0.99
C SER B 239 -4.03 -11.15 0.41
N VAL B 240 -2.73 -11.17 0.66
CA VAL B 240 -2.20 -11.50 1.97
C VAL B 240 -1.12 -10.48 2.30
N LEU B 241 -1.18 -9.92 3.50
CA LEU B 241 -0.10 -9.09 4.01
C LEU B 241 0.61 -9.85 5.12
N GLY B 242 1.89 -10.13 4.92
CA GLY B 242 2.69 -10.68 5.99
C GLY B 242 3.42 -9.54 6.70
N LEU B 243 3.21 -9.41 8.00
CA LEU B 243 3.78 -8.32 8.76
CA LEU B 243 3.79 -8.31 8.76
C LEU B 243 4.71 -8.88 9.84
N ILE B 244 5.97 -8.44 9.82
CA ILE B 244 6.93 -8.81 10.85
CA ILE B 244 6.95 -8.79 10.84
C ILE B 244 7.08 -7.64 11.81
N LEU B 245 6.81 -7.90 13.10
CA LEU B 245 7.04 -6.95 14.19
C LEU B 245 8.09 -7.57 15.11
N GLY B 246 9.36 -7.21 14.88
CA GLY B 246 10.46 -7.86 15.56
C GLY B 246 11.59 -6.88 15.83
N THR B 247 12.74 -7.17 15.24
CA THR B 247 13.88 -6.26 15.22
C THR B 247 13.49 -4.95 14.53
N GLY B 248 12.71 -5.09 13.47
CA GLY B 248 12.16 -3.93 12.77
C GLY B 248 10.70 -4.20 12.45
N VAL B 249 10.15 -3.39 11.55
CA VAL B 249 8.78 -3.59 11.07
C VAL B 249 8.89 -3.80 9.57
N GLY B 250 8.36 -4.92 9.06
CA GLY B 250 8.54 -5.30 7.68
C GLY B 250 7.23 -5.87 7.13
N GLY B 251 7.01 -5.71 5.82
CA GLY B 251 5.77 -6.18 5.23
C GLY B 251 6.06 -6.93 3.94
N GLY B 252 5.29 -7.98 3.67
CA GLY B 252 5.40 -8.75 2.44
C GLY B 252 4.00 -8.71 1.81
N LEU B 253 3.90 -8.23 0.56
CA LEU B 253 2.60 -8.07 -0.09
C LEU B 253 2.40 -9.20 -1.08
N ILE B 254 1.29 -9.94 -0.95
CA ILE B 254 0.99 -11.04 -1.88
C ILE B 254 -0.36 -10.71 -2.51
N PHE B 255 -0.41 -10.74 -3.84
CA PHE B 255 -1.66 -10.53 -4.53
C PHE B 255 -1.94 -11.74 -5.42
N ASN B 256 -3.12 -12.38 -5.22
CA ASN B 256 -3.48 -13.59 -5.94
C ASN B 256 -2.34 -14.59 -5.93
N GLY B 257 -1.70 -14.82 -4.78
CA GLY B 257 -0.64 -15.81 -4.72
C GLY B 257 0.74 -15.37 -5.19
N LYS B 258 0.92 -14.13 -5.68
CA LYS B 258 2.26 -13.73 -6.16
C LYS B 258 2.81 -12.54 -5.36
N VAL B 259 4.08 -12.61 -4.92
CA VAL B 259 4.72 -11.51 -4.21
CA VAL B 259 4.77 -11.53 -4.23
C VAL B 259 4.76 -10.28 -5.13
N HIS B 260 4.37 -9.12 -4.60
CA HIS B 260 4.62 -7.85 -5.29
C HIS B 260 5.91 -7.30 -4.70
N SER B 261 7.02 -7.36 -5.45
CA SER B 261 8.26 -6.91 -4.83
C SER B 261 8.54 -5.42 -5.08
N GLY B 262 7.93 -4.85 -6.13
CA GLY B 262 7.99 -3.40 -6.29
C GLY B 262 8.99 -2.99 -7.37
N ARG B 263 8.79 -1.78 -7.87
CA ARG B 263 9.69 -1.16 -8.85
C ARG B 263 11.19 -1.33 -8.50
N ALA B 264 11.56 -1.14 -7.25
CA ALA B 264 12.95 -1.25 -6.81
C ALA B 264 13.12 -2.21 -5.63
N ASN B 265 12.24 -3.22 -5.50
CA ASN B 265 12.33 -4.20 -4.42
C ASN B 265 12.05 -3.56 -3.07
N ILE B 266 11.22 -2.50 -3.03
CA ILE B 266 10.97 -1.80 -1.78
C ILE B 266 9.52 -2.03 -1.31
N ALA B 267 8.68 -2.68 -2.12
CA ALA B 267 7.31 -2.90 -1.72
C ALA B 267 7.27 -3.57 -0.33
N GLY B 268 6.33 -3.08 0.47
CA GLY B 268 6.09 -3.55 1.81
C GLY B 268 7.03 -2.97 2.85
N GLU B 269 7.85 -1.95 2.48
CA GLU B 269 8.71 -1.32 3.47
C GLU B 269 7.96 -0.35 4.39
N ILE B 270 6.89 -0.84 5.03
CA ILE B 270 5.96 -0.02 5.82
C ILE B 270 6.69 0.52 7.05
N GLY B 271 7.77 -0.15 7.45
CA GLY B 271 8.58 0.32 8.56
C GLY B 271 9.25 1.67 8.30
N HIS B 272 9.43 2.03 7.01
CA HIS B 272 10.03 3.33 6.69
C HIS B 272 8.98 4.30 6.16
N THR B 273 7.76 4.20 6.69
CA THR B 273 6.78 5.25 6.52
C THR B 273 6.74 5.99 7.85
N ARG B 274 6.42 7.30 7.84
CA ARG B 274 6.46 8.18 9.00
C ARG B 274 5.19 8.04 9.82
N LEU B 275 5.26 8.25 11.15
CA LEU B 275 4.09 8.13 11.99
C LEU B 275 2.99 8.98 11.39
N PRO B 276 1.72 8.50 11.32
CA PRO B 276 0.63 9.37 10.91
C PRO B 276 0.22 10.31 12.02
N TYR B 277 -0.49 11.38 11.62
CA TYR B 277 -1.03 12.42 12.49
C TYR B 277 -1.69 11.84 13.73
N ASP B 278 -2.61 10.87 13.57
CA ASP B 278 -3.39 10.32 14.66
C ASP B 278 -2.49 9.59 15.69
N ALA B 279 -1.40 8.97 15.21
CA ALA B 279 -0.40 8.37 16.10
C ALA B 279 0.36 9.47 16.87
N LEU B 280 0.75 10.54 16.17
CA LEU B 280 1.49 11.63 16.81
C LEU B 280 0.65 12.28 17.89
N LYS B 281 -0.64 12.47 17.59
CA LYS B 281 -1.56 13.04 18.54
C LYS B 281 -1.62 12.16 19.79
N LEU B 282 -1.77 10.83 19.62
CA LEU B 282 -1.76 9.92 20.77
C LEU B 282 -0.51 10.11 21.63
N LEU B 283 0.64 10.36 21.00
CA LEU B 283 1.92 10.42 21.69
C LEU B 283 2.26 11.85 22.14
N GLY B 284 1.34 12.81 22.03
CA GLY B 284 1.60 14.15 22.56
C GLY B 284 1.96 15.24 21.54
N MET B 285 1.75 15.00 20.24
CA MET B 285 2.02 15.97 19.18
C MET B 285 3.43 16.55 19.25
N GLU B 286 3.59 17.84 19.61
CA GLU B 286 4.92 18.46 19.62
C GLU B 286 5.81 17.86 20.71
N ASN B 287 5.20 17.18 21.69
CA ASN B 287 5.95 16.51 22.76
C ASN B 287 6.24 15.04 22.45
N ALA B 288 5.73 14.50 21.34
CA ALA B 288 5.90 13.10 21.02
C ALA B 288 7.38 12.81 20.82
N PRO B 289 7.90 11.63 21.24
CA PRO B 289 9.30 11.29 20.93
C PRO B 289 9.45 11.05 19.43
N ILE B 290 10.45 11.66 18.84
CA ILE B 290 10.72 11.53 17.43
C ILE B 290 12.02 10.75 17.35
N PHE B 291 11.92 9.45 17.05
CA PHE B 291 13.10 8.59 17.04
C PHE B 291 13.80 8.64 15.69
N PRO B 292 15.16 8.68 15.67
CA PRO B 292 15.92 8.54 14.43
C PRO B 292 15.81 7.11 13.88
N CYS B 293 16.10 6.96 12.60
CA CYS B 293 15.88 5.67 11.98
C CYS B 293 17.15 5.26 11.27
N GLY B 294 17.31 3.95 11.11
CA GLY B 294 18.45 3.44 10.35
C GLY B 294 18.50 3.90 8.90
N CYS B 295 17.34 4.26 8.31
CA CYS B 295 17.34 4.69 6.90
C CYS B 295 17.78 6.15 6.84
N LYS B 296 17.96 6.79 8.03
CA LYS B 296 18.42 8.18 8.14
C LYS B 296 17.27 9.20 8.15
N ASN B 297 16.03 8.75 7.99
CA ASN B 297 14.90 9.66 8.12
C ASN B 297 14.58 9.71 9.60
N SER B 298 13.54 10.45 9.98
CA SER B 298 13.16 10.44 11.38
CA SER B 298 13.14 10.62 11.37
C SER B 298 11.66 10.28 11.53
N GLY B 299 11.28 9.55 12.58
CA GLY B 299 9.87 9.29 12.87
C GLY B 299 9.29 8.11 12.06
N CYS B 300 10.13 7.32 11.39
CA CYS B 300 9.69 6.08 10.75
C CYS B 300 9.10 5.10 11.79
N ILE B 301 7.98 4.42 11.46
CA ILE B 301 7.31 3.54 12.42
C ILE B 301 8.15 2.32 12.82
N ASP B 302 9.18 1.99 12.03
CA ASP B 302 10.13 0.91 12.34
C ASP B 302 10.69 1.04 13.77
N ASN B 303 10.74 2.28 14.29
CA ASN B 303 11.37 2.58 15.58
C ASN B 303 10.32 2.77 16.67
N TYR B 304 9.08 2.43 16.39
CA TYR B 304 8.01 2.54 17.37
C TYR B 304 7.31 1.20 17.59
N LEU B 305 7.09 0.43 16.51
CA LEU B 305 6.25 -0.76 16.54
C LEU B 305 7.10 -2.04 16.58
N SER B 306 8.43 -1.91 16.47
CA SER B 306 9.36 -3.02 16.65
C SER B 306 9.46 -3.35 18.14
N GLY B 307 10.13 -4.48 18.44
CA GLY B 307 10.38 -4.79 19.85
C GLY B 307 11.26 -3.71 20.50
N ARG B 308 12.27 -3.22 19.76
CA ARG B 308 13.10 -2.12 20.20
C ARG B 308 12.26 -0.83 20.32
N GLY B 309 11.31 -0.61 19.41
CA GLY B 309 10.45 0.58 19.50
C GLY B 309 9.59 0.54 20.77
N PHE B 310 9.05 -0.65 21.04
CA PHE B 310 8.29 -0.91 22.27
C PHE B 310 9.11 -0.52 23.49
N GLU B 311 10.40 -0.89 23.49
CA GLU B 311 11.27 -0.60 24.63
C GLU B 311 11.58 0.89 24.71
N GLN B 312 11.89 1.51 23.55
CA GLN B 312 12.23 2.93 23.53
C GLN B 312 11.04 3.77 24.02
N LEU B 313 9.82 3.36 23.66
CA LEU B 313 8.65 4.08 24.09
C LEU B 313 8.45 3.99 25.60
N TYR B 314 8.65 2.79 26.16
CA TYR B 314 8.49 2.63 27.59
C TYR B 314 9.47 3.57 28.33
N ASP B 315 10.72 3.56 27.85
CA ASP B 315 11.80 4.31 28.46
C ASP B 315 11.54 5.80 28.35
N HIS B 316 11.01 6.24 27.21
CA HIS B 316 10.68 7.65 27.04
C HIS B 316 9.71 8.11 28.11
N TYR B 317 8.63 7.35 28.36
CA TYR B 317 7.64 7.78 29.35
C TYR B 317 8.05 7.49 30.79
N PHE B 318 8.91 6.48 31.05
CA PHE B 318 9.10 6.05 32.43
C PHE B 318 10.56 6.05 32.89
N SER B 319 11.49 6.41 32.00
CA SER B 319 12.91 6.58 32.32
C SER B 319 13.49 5.33 32.97
N GLU B 320 13.25 4.16 32.39
CA GLU B 320 13.89 2.94 32.86
C GLU B 320 14.17 2.05 31.66
N LYS B 321 15.37 1.46 31.60
CA LYS B 321 15.78 0.74 30.40
C LYS B 321 15.44 -0.75 30.50
N LEU B 322 14.16 -1.09 30.30
CA LEU B 322 13.69 -2.47 30.40
C LEU B 322 13.56 -3.10 29.02
N SER B 323 13.74 -4.42 28.97
CA SER B 323 13.52 -5.19 27.75
C SER B 323 12.01 -5.36 27.55
N ALA B 324 11.63 -5.63 26.30
CA ALA B 324 10.23 -5.92 26.00
C ALA B 324 9.72 -7.07 26.89
N PRO B 325 10.44 -8.21 27.02
CA PRO B 325 9.93 -9.33 27.82
C PRO B 325 9.69 -8.90 29.26
N GLU B 326 10.59 -8.05 29.80
CA GLU B 326 10.43 -7.63 31.18
C GLU B 326 9.24 -6.68 31.32
N ILE B 327 9.05 -5.73 30.37
CA ILE B 327 7.85 -4.90 30.41
C ILE B 327 6.60 -5.77 30.37
N ILE B 328 6.61 -6.75 29.46
CA ILE B 328 5.43 -7.59 29.29
C ILE B 328 5.17 -8.40 30.57
N ALA B 329 6.25 -8.91 31.21
CA ALA B 329 6.09 -9.64 32.47
C ALA B 329 5.42 -8.73 33.50
N HIS B 330 5.93 -7.48 33.60
CA HIS B 330 5.30 -6.54 34.52
C HIS B 330 3.83 -6.28 34.18
N TYR B 331 3.54 -6.19 32.85
CA TYR B 331 2.15 -6.04 32.41
C TYR B 331 1.31 -7.20 32.94
N GLU B 332 1.80 -8.43 32.74
CA GLU B 332 1.06 -9.60 33.24
C GLU B 332 0.89 -9.55 34.76
N GLN B 333 1.78 -8.88 35.50
CA GLN B 333 1.56 -8.71 36.94
C GLN B 333 0.64 -7.54 37.24
N GLY B 334 0.20 -6.80 36.23
CA GLY B 334 -0.75 -5.72 36.46
C GLY B 334 -0.09 -4.44 36.95
N GLU B 335 1.23 -4.33 36.77
CA GLU B 335 1.93 -3.16 37.30
C GLU B 335 1.54 -1.90 36.50
N ARG B 336 1.45 -0.75 37.18
CA ARG B 336 0.79 0.47 36.71
C ARG B 336 1.43 1.04 35.44
N ARG B 337 2.74 1.26 35.46
CA ARG B 337 3.45 1.82 34.32
C ARG B 337 3.33 0.91 33.08
N ALA B 338 3.49 -0.40 33.27
CA ALA B 338 3.45 -1.36 32.17
C ALA B 338 2.03 -1.43 31.59
N VAL B 339 0.99 -1.35 32.42
CA VAL B 339 -0.37 -1.39 31.94
C VAL B 339 -0.65 -0.11 31.10
N GLN B 340 -0.14 1.03 31.53
CA GLN B 340 -0.33 2.28 30.80
C GLN B 340 0.43 2.20 29.47
N HIS B 341 1.66 1.70 29.49
CA HIS B 341 2.51 1.54 28.30
C HIS B 341 1.83 0.66 27.26
N VAL B 342 1.26 -0.45 27.72
CA VAL B 342 0.68 -1.46 26.85
C VAL B 342 -0.60 -0.94 26.20
N GLU B 343 -1.43 -0.23 26.97
CA GLU B 343 -2.62 0.44 26.45
C GLU B 343 -2.23 1.41 25.32
N ARG B 344 -1.22 2.25 25.57
CA ARG B 344 -0.71 3.19 24.60
C ARG B 344 -0.15 2.44 23.39
N PHE B 345 0.61 1.37 23.63
CA PHE B 345 1.23 0.64 22.53
C PHE B 345 0.17 -0.01 21.63
N MET B 346 -0.85 -0.64 22.23
CA MET B 346 -1.89 -1.29 21.44
C MET B 346 -2.69 -0.24 20.61
N GLU B 347 -2.91 0.95 21.17
CA GLU B 347 -3.64 1.99 20.45
C GLU B 347 -2.78 2.52 19.30
N LEU B 348 -1.46 2.66 19.52
CA LEU B 348 -0.51 3.12 18.53
C LEU B 348 -0.44 2.11 17.37
N LEU B 349 -0.39 0.83 17.76
CA LEU B 349 -0.36 -0.23 16.76
C LEU B 349 -1.64 -0.21 15.88
N ALA B 350 -2.80 -0.09 16.53
CA ALA B 350 -4.06 -0.06 15.80
C ALA B 350 -4.14 1.15 14.85
N ILE B 351 -3.68 2.32 15.31
CA ILE B 351 -3.70 3.52 14.50
C ILE B 351 -2.83 3.34 13.27
N CYS B 352 -1.60 2.88 13.47
CA CYS B 352 -0.65 2.73 12.38
C CYS B 352 -1.16 1.72 11.36
N LEU B 353 -1.66 0.57 11.85
CA LEU B 353 -2.15 -0.47 10.94
C LEU B 353 -3.43 -0.04 10.20
N ALA B 354 -4.33 0.68 10.88
CA ALA B 354 -5.52 1.16 10.22
C ALA B 354 -5.15 2.06 9.03
N ASN B 355 -4.13 2.93 9.18
CA ASN B 355 -3.66 3.77 8.08
C ASN B 355 -3.20 2.89 6.92
N ILE B 356 -2.38 1.90 7.23
CA ILE B 356 -1.89 0.99 6.20
C ILE B 356 -3.04 0.20 5.57
N PHE B 357 -4.04 -0.23 6.37
CA PHE B 357 -5.11 -1.07 5.83
C PHE B 357 -6.09 -0.22 4.99
N THR B 358 -6.11 1.09 5.24
CA THR B 358 -6.97 1.96 4.44
C THR B 358 -6.41 2.12 3.02
N CYS B 359 -5.11 1.99 2.88
CA CYS B 359 -4.47 1.95 1.57
C CYS B 359 -4.52 0.56 0.94
N LEU B 360 -4.13 -0.49 1.68
CA LEU B 360 -3.94 -1.82 1.12
C LEU B 360 -5.20 -2.69 1.19
N ASP B 361 -6.07 -2.50 2.18
CA ASP B 361 -7.28 -3.31 2.40
C ASP B 361 -7.03 -4.81 2.21
N PRO B 362 -6.07 -5.43 2.94
CA PRO B 362 -5.69 -6.83 2.70
C PRO B 362 -6.79 -7.78 3.20
N HIS B 363 -6.91 -8.95 2.56
CA HIS B 363 -7.90 -9.94 3.00
C HIS B 363 -7.44 -10.67 4.26
N VAL B 364 -6.14 -10.92 4.35
CA VAL B 364 -5.58 -11.63 5.51
C VAL B 364 -4.32 -10.90 5.91
N VAL B 365 -4.12 -10.72 7.22
CA VAL B 365 -2.89 -10.19 7.76
C VAL B 365 -2.30 -11.27 8.67
N VAL B 366 -1.06 -11.67 8.41
CA VAL B 366 -0.38 -12.69 9.22
C VAL B 366 0.77 -12.02 9.93
N LEU B 367 0.85 -12.19 11.27
CA LEU B 367 1.90 -11.51 12.04
C LEU B 367 3.01 -12.49 12.41
N GLY B 368 4.26 -12.03 12.29
CA GLY B 368 5.46 -12.76 12.64
C GLY B 368 6.41 -11.85 13.40
N GLY B 369 7.57 -12.42 13.78
CA GLY B 369 8.56 -11.74 14.58
C GLY B 369 8.25 -11.84 16.06
N GLY B 370 9.17 -11.34 16.91
CA GLY B 370 9.09 -11.49 18.36
C GLY B 370 7.80 -10.99 18.99
N LEU B 371 7.30 -9.83 18.55
CA LEU B 371 6.10 -9.24 19.13
C LEU B 371 4.85 -9.98 18.71
N SER B 372 4.95 -10.75 17.63
CA SER B 372 3.81 -11.57 17.25
C SER B 372 3.50 -12.65 18.30
N ASN B 373 4.42 -12.87 19.25
CA ASN B 373 4.15 -13.82 20.32
C ASN B 373 3.43 -13.13 21.49
N PHE B 374 3.23 -11.81 21.43
CA PHE B 374 2.49 -11.12 22.50
C PHE B 374 1.00 -11.31 22.22
N GLU B 375 0.36 -12.29 22.91
CA GLU B 375 -0.98 -12.76 22.54
C GLU B 375 -2.07 -11.69 22.63
N LEU B 376 -1.87 -10.69 23.51
CA LEU B 376 -2.85 -9.63 23.69
C LEU B 376 -3.16 -8.91 22.35
N ILE B 377 -2.18 -8.90 21.42
CA ILE B 377 -2.33 -8.24 20.12
C ILE B 377 -3.56 -8.77 19.39
N TYR B 378 -3.77 -10.09 19.41
CA TYR B 378 -4.86 -10.74 18.68
C TYR B 378 -6.23 -10.42 19.27
N GLN B 379 -6.26 -9.98 20.51
CA GLN B 379 -7.50 -9.61 21.16
C GLN B 379 -7.75 -8.13 20.93
N GLU B 380 -6.70 -7.31 21.09
CA GLU B 380 -6.83 -5.87 21.11
C GLU B 380 -6.97 -5.27 19.70
N LEU B 381 -6.29 -5.82 18.70
CA LEU B 381 -6.35 -5.25 17.34
C LEU B 381 -7.79 -5.20 16.82
N PRO B 382 -8.54 -6.33 16.82
CA PRO B 382 -9.92 -6.33 16.36
C PRO B 382 -10.83 -5.36 17.11
N LYS B 383 -10.53 -5.12 18.39
CA LYS B 383 -11.37 -4.20 19.15
C LYS B 383 -11.02 -2.76 18.78
N ARG B 384 -9.73 -2.47 18.52
CA ARG B 384 -9.31 -1.08 18.40
C ARG B 384 -9.28 -0.58 16.94
N LEU B 385 -9.14 -1.46 15.94
CA LEU B 385 -9.00 -1.02 14.55
C LEU B 385 -10.26 -0.31 14.05
N PRO B 386 -11.49 -0.77 14.32
CA PRO B 386 -12.69 -0.19 13.72
C PRO B 386 -12.82 1.32 13.91
N ALA B 387 -12.34 1.84 15.04
CA ALA B 387 -12.44 3.26 15.30
C ALA B 387 -11.57 4.08 14.33
N HIS B 388 -10.49 3.49 13.79
CA HIS B 388 -9.56 4.25 12.97
C HIS B 388 -9.72 3.92 11.49
N LEU B 389 -10.49 2.86 11.17
CA LEU B 389 -10.76 2.46 9.80
C LEU B 389 -11.96 3.26 9.32
N LEU B 390 -12.22 3.23 8.00
CA LEU B 390 -13.40 3.85 7.46
C LEU B 390 -14.60 3.11 8.04
N HIS B 391 -15.71 3.83 8.19
CA HIS B 391 -16.96 3.28 8.72
C HIS B 391 -17.45 2.06 7.94
N VAL B 392 -17.17 1.98 6.64
CA VAL B 392 -17.67 0.87 5.84
CA VAL B 392 -17.66 0.88 5.80
C VAL B 392 -16.61 -0.23 5.74
N ALA B 393 -15.45 -0.05 6.39
CA ALA B 393 -14.39 -1.05 6.28
C ALA B 393 -14.76 -2.31 7.06
N LYS B 394 -14.24 -3.45 6.64
CA LYS B 394 -14.37 -4.68 7.41
C LYS B 394 -12.99 -5.14 7.84
N LEU B 395 -12.91 -5.85 8.97
CA LEU B 395 -11.61 -6.24 9.49
C LEU B 395 -11.03 -7.29 8.56
N PRO B 396 -9.70 -7.31 8.31
CA PRO B 396 -9.11 -8.45 7.63
C PRO B 396 -9.16 -9.64 8.59
N LYS B 397 -8.93 -10.83 8.08
CA LYS B 397 -8.61 -11.95 8.97
C LYS B 397 -7.19 -11.72 9.49
N ILE B 398 -7.02 -11.62 10.83
CA ILE B 398 -5.74 -11.38 11.47
C ILE B 398 -5.30 -12.65 12.19
N ILE B 399 -4.11 -13.19 11.87
CA ILE B 399 -3.70 -14.48 12.42
C ILE B 399 -2.23 -14.46 12.81
N LYS B 400 -1.87 -15.27 13.82
CA LYS B 400 -0.48 -15.48 14.18
C LYS B 400 0.15 -16.41 13.14
N ALA B 401 1.43 -16.20 12.77
CA ALA B 401 2.16 -17.11 11.88
C ALA B 401 1.91 -18.59 12.19
N ARG B 402 1.65 -19.39 11.14
CA ARG B 402 1.34 -20.81 11.30
C ARG B 402 2.62 -21.66 11.32
N HIS B 403 3.77 -21.06 11.01
CA HIS B 403 5.00 -21.81 10.95
C HIS B 403 6.03 -21.22 11.92
N GLY B 404 5.54 -20.48 12.91
CA GLY B 404 6.46 -20.05 13.98
C GLY B 404 7.53 -19.10 13.43
N ASP B 405 8.81 -19.46 13.62
CA ASP B 405 9.93 -18.61 13.25
C ASP B 405 10.53 -19.13 11.94
N ALA B 406 9.86 -20.05 11.22
CA ALA B 406 10.55 -20.70 10.11
C ALA B 406 10.25 -20.04 8.74
N GLY B 407 9.41 -19.02 8.72
CA GLY B 407 8.93 -18.40 7.49
C GLY B 407 10.04 -17.89 6.55
N GLY B 408 11.10 -17.34 7.14
CA GLY B 408 12.26 -16.87 6.41
C GLY B 408 12.92 -18.00 5.64
N VAL B 409 13.20 -19.11 6.33
CA VAL B 409 13.87 -20.24 5.70
C VAL B 409 12.96 -20.87 4.66
N ARG B 410 11.68 -21.10 5.05
CA ARG B 410 10.76 -21.75 4.13
C ARG B 410 10.52 -20.87 2.90
N GLY B 411 10.32 -19.57 3.11
CA GLY B 411 9.97 -18.71 1.98
C GLY B 411 11.16 -18.59 1.00
N ALA B 412 12.36 -18.54 1.56
CA ALA B 412 13.60 -18.49 0.81
C ALA B 412 13.72 -19.76 -0.02
N ALA B 413 13.49 -20.91 0.60
CA ALA B 413 13.52 -22.16 -0.17
C ALA B 413 12.44 -22.19 -1.24
N PHE B 414 11.26 -21.65 -0.92
CA PHE B 414 10.14 -21.81 -1.82
C PHE B 414 10.20 -20.78 -2.96
N LEU B 415 11.27 -19.98 -3.05
CA LEU B 415 11.40 -19.03 -4.15
C LEU B 415 11.52 -19.82 -5.45
N ASN B 416 12.10 -21.04 -5.36
CA ASN B 416 12.37 -21.93 -6.47
C ASN B 416 11.33 -23.05 -6.58
N LEU B 417 10.10 -22.84 -6.10
CA LEU B 417 9.05 -23.83 -6.29
C LEU B 417 8.62 -23.76 -7.75
C1 MPD C . -9.87 22.04 -11.06
C2 MPD C . -9.01 22.04 -9.80
O2 MPD C . -7.74 22.46 -10.27
CM MPD C . -9.60 22.95 -8.73
C3 MPD C . -8.77 20.63 -9.24
C4 MPD C . -9.91 19.70 -9.05
O4 MPD C . -10.91 20.18 -8.13
C5 MPD C . -10.66 19.21 -10.27
C1 EDO D . -17.23 -2.26 -6.01
O1 EDO D . -18.17 -3.05 -6.73
C2 EDO D . -17.82 -1.03 -5.42
O2 EDO D . -16.94 -0.12 -4.80
C1 EDO E . -12.75 -13.15 1.24
O1 EDO E . -11.63 -13.88 0.77
C2 EDO E . -12.39 -12.48 2.51
O2 EDO E . -13.15 -11.33 2.89
C1 EDO F . -12.23 15.66 -10.36
O1 EDO F . -11.30 16.45 -11.04
C2 EDO F . -12.03 14.26 -10.73
O2 EDO F . -12.05 13.54 -9.53
C1 PGE G . -3.02 24.15 -18.63
O1 PGE G . -3.59 23.19 -17.74
C2 PGE G . -1.88 23.59 -19.44
O2 PGE G . -0.86 23.10 -18.58
C3 PGE G . -0.04 24.12 -18.02
C4 PGE G . 0.04 23.98 -16.51
O4 PGE G . -4.10 23.70 -15.17
C6 PGE G . -3.05 24.37 -14.52
C5 PGE G . -1.93 24.82 -15.44
O3 PGE G . -1.21 23.70 -15.92
C1 EDO H . -1.78 -10.62 -18.18
O1 EDO H . -0.85 -9.58 -18.46
C2 EDO H . -2.76 -10.14 -17.17
O2 EDO H . -3.61 -9.13 -17.66
C1 EDO I . 9.34 20.04 14.30
O1 EDO I . 10.56 19.93 13.60
C2 EDO I . 8.76 21.40 14.30
O2 EDO I . 8.05 21.59 15.50
C1 EDO J . -7.83 32.21 6.84
O1 EDO J . -6.64 31.91 7.56
C2 EDO J . -9.06 31.46 7.20
O2 EDO J . -9.03 30.12 6.70
C1 EDO K . -9.83 37.94 -7.18
O1 EDO K . -9.29 38.75 -6.13
C2 EDO K . -10.50 36.78 -6.54
O2 EDO K . -11.41 36.06 -7.32
C1 EDO L . -2.68 38.84 -8.34
O1 EDO L . -1.65 38.07 -9.01
C2 EDO L . -2.37 39.28 -6.96
O2 EDO L . -2.51 38.31 -5.93
C1 MPD M . 8.05 -2.68 -20.83
C2 MPD M . 6.96 -3.53 -20.19
O2 MPD M . 5.70 -2.89 -20.45
CM MPD M . 7.10 -3.54 -18.67
C3 MPD M . 6.91 -4.94 -20.79
C4 MPD M . 7.90 -5.97 -20.26
O4 MPD M . 7.57 -6.29 -18.92
C5 MPD M . 8.00 -7.23 -21.06
C1 NDG N . -12.52 10.25 -2.28
C2 NDG N . -13.24 8.89 -2.13
C3 NDG N . -12.62 7.84 -3.06
C4 NDG N . -12.41 8.40 -4.46
C5 NDG N . -11.54 9.65 -4.39
C6 NDG N . -11.19 10.26 -5.74
C7 NDG N . -14.60 8.30 -0.16
C8 NDG N . -14.75 7.29 0.95
O5 NDG N . -12.20 10.66 -3.60
O3 NDG N . -13.44 6.69 -3.07
O4 NDG N . -11.75 7.41 -5.25
O6 NDG N . -12.33 10.60 -6.51
O7 NDG N . -15.50 9.09 -0.44
N2 NDG N . -13.43 8.30 -0.81
O1 NDG N . -11.35 10.31 -1.52
ZN ZN O . -11.00 10.81 5.73
ZN ZN P . -6.57 37.17 -9.11
K K Q . -9.94 2.86 -4.87
C1 EDO R . 8.61 34.52 -10.75
O1 EDO R . 8.81 35.40 -11.84
C2 EDO R . 8.54 35.24 -9.45
O2 EDO R . 7.83 34.56 -8.49
CL CL S . 1.58 37.39 3.48
CL CL T . 7.85 24.86 -7.07
C1 PEG U . 0.72 -9.57 -7.50
O1 PEG U . 2.01 -9.69 -7.04
C2 PEG U . 0.47 -10.47 -8.69
O2 PEG U . -0.92 -10.66 -8.86
C3 PEG U . -1.61 -9.47 -9.26
C4 PEG U . -3.08 -9.69 -9.30
O4 PEG U . -3.88 -8.53 -8.89
C1 EDO V . 15.12 -9.21 -3.65
O1 EDO V . 15.62 -9.76 -4.82
C2 EDO V . 15.94 -8.03 -3.29
O2 EDO V . 15.72 -7.61 -1.98
C1 MPD W . 10.84 -11.02 21.33
C2 MPD W . 10.75 -9.66 22.03
O2 MPD W . 9.55 -9.74 22.85
CM MPD W . 11.98 -9.45 22.90
C3 MPD W . 10.59 -8.49 21.08
C4 MPD W . 10.88 -8.70 19.55
O4 MPD W . 10.03 -7.84 18.82
C5 MPD W . 12.21 -8.68 18.89
C1 EDO X . -16.09 6.52 7.19
O1 EDO X . -16.43 7.33 8.27
C2 EDO X . -17.21 6.39 6.23
O2 EDO X . -17.03 5.28 5.39
C1 EDO Y . -15.40 -6.25 10.56
O1 EDO Y . -16.04 -7.35 9.97
C2 EDO Y . -16.27 -5.16 11.06
O2 EDO Y . -15.55 -4.27 11.91
C1 EDO Z . 20.73 4.96 13.54
O1 EDO Z . 20.88 6.17 12.83
C2 EDO Z . 19.97 5.16 14.79
O2 EDO Z . 18.82 4.34 14.79
C1 EDO AA . 7.42 -4.99 38.57
O1 EDO AA . 6.23 -5.31 37.88
C2 EDO AA . 7.60 -3.55 38.83
O2 EDO AA . 8.96 -3.22 38.80
C1 EDO BA . -5.39 -17.23 18.94
O1 EDO BA . -6.40 -16.32 19.34
C2 EDO BA . -4.07 -16.73 19.34
O2 EDO BA . -3.15 -16.74 18.28
C1 EDO CA . -4.31 -16.94 15.04
O1 EDO CA . -4.71 -15.81 15.81
C2 EDO CA . -5.42 -17.70 14.41
O2 EDO CA . -6.10 -18.62 15.25
C1 NDG DA . 13.45 -3.28 8.38
C2 NDG DA . 13.91 -3.47 6.93
C3 NDG DA . 12.99 -4.41 6.14
C4 NDG DA . 12.68 -5.68 6.94
C5 NDG DA . 12.11 -5.30 8.31
C6 NDG DA . 11.76 -6.48 9.20
C7 NDG DA . 15.47 -1.93 5.88
C8 NDG DA . 15.71 -1.21 4.58
O5 NDG DA . 13.07 -4.49 9.03
O3 NDG DA . 13.58 -4.71 4.89
O4 NDG DA . 11.73 -6.44 6.16
O6 NDG DA . 12.85 -7.37 9.40
O7 NDG DA . 16.37 -2.18 6.67
N2 NDG DA . 14.20 -2.29 6.14
O1 NDG DA . 12.45 -2.31 8.49
ZN ZN EA . 13.28 4.79 8.16
ZN ZN FA . 11.29 -6.17 36.59
K K GA . 9.25 -6.10 1.91
#